data_4OFL
#
_entry.id   4OFL
#
_cell.length_a   47.040
_cell.length_b   213.830
_cell.length_c   52.870
_cell.angle_alpha   90.00
_cell.angle_beta   102.72
_cell.angle_gamma   90.00
#
_symmetry.space_group_name_H-M   'P 1 21 1'
#
loop_
_entity.id
_entity.type
_entity.pdbx_description
1 polymer 'Extracytoplasmic Nickel-Binding Protein YpYntA'
2 non-polymer 'NICKEL (II) ION'
3 non-polymer HISTIDINE
4 water water
#
_entity_poly.entity_id   1
_entity_poly.type   'polypeptide(L)'
_entity_poly.pdbx_seq_one_letter_code
;ATHTLQLAIGDEPTEGFDPMLGWSHGSYLLLHSPLLKQNEDFSWDSLLLSQYQPSDDGKTWLLTLKPDLKFSDGSPLTAK
DVAFTYNNAAASGGKVDMGNFLSAEVIDPLNVRIHLKAPQSTFVNVLGSLGIVSADKYNAKTYAQKPIGAGPYRLVSFQP
GQQMIVEANPYYAGNKNDFDKLIFVFLDEDSAFAAAQSGQLGVVRIPPSMAVGSVNNMKLWVRPSVENRGIVFPTTPAGK
KDAHGYPIGNDVTADVAIRRAINYAINRQLLADQIMEGHAIPAYTGVQGLPWNNPDSAIKDGDIDKAKQILEQAGWQLNS
QGTREKNGLPAKITLWYTSGDTTRRDLAQALRSMLKPIGIDVDLKSGSWETVERNMHANPTLFGWGSLDPMELYHHYSSN
AAGVEYYNPGYYKNPMVDKHLQQALDAPTWQQAVPFWQQVDWDGTTGAGIRGDAAWAWLLNIQHTYLANNCVDLGKGTPE
IHGSWSLLNSIDSWKWTCQ
;
_entity_poly.pdbx_strand_id   A,B
#
loop_
_chem_comp.id
_chem_comp.type
_chem_comp.name
_chem_comp.formula
NI non-polymer 'NICKEL (II) ION' 'Ni 2'
#
# COMPACT_ATOMS: atom_id res chain seq x y z
N HIS A 3 -27.39 21.85 -26.31
CA HIS A 3 -26.24 20.95 -26.36
C HIS A 3 -26.57 19.60 -25.72
N THR A 4 -25.90 18.56 -26.20
CA THR A 4 -26.05 17.22 -25.63
C THR A 4 -24.80 16.84 -24.86
N LEU A 5 -24.97 16.27 -23.67
CA LEU A 5 -23.82 15.85 -22.86
C LEU A 5 -23.98 14.41 -22.41
N GLN A 6 -22.90 13.64 -22.46
CA GLN A 6 -22.97 12.26 -22.00
C GLN A 6 -22.11 12.09 -20.75
N LEU A 7 -22.71 11.52 -19.71
CA LEU A 7 -22.05 11.38 -18.43
C LEU A 7 -22.10 9.94 -17.92
N ALA A 8 -21.00 9.48 -17.32
CA ALA A 8 -21.02 8.26 -16.52
C ALA A 8 -20.50 8.61 -15.14
N ILE A 9 -21.42 8.90 -14.22
CA ILE A 9 -21.03 9.42 -12.91
C ILE A 9 -21.34 8.52 -11.72
N GLY A 10 -21.92 7.34 -11.94
CA GLY A 10 -22.21 6.48 -10.81
C GLY A 10 -23.10 5.28 -11.02
N ASP A 11 -23.56 4.72 -9.90
CA ASP A 11 -24.37 3.53 -9.86
C ASP A 11 -25.71 3.74 -10.59
N GLU A 12 -26.28 2.64 -11.05
CA GLU A 12 -27.52 2.69 -11.81
C GLU A 12 -28.72 2.81 -10.87
N PRO A 13 -29.68 3.68 -11.22
CA PRO A 13 -30.88 3.85 -10.41
C PRO A 13 -31.79 2.63 -10.42
N THR A 14 -32.09 2.10 -9.25
CA THR A 14 -32.95 0.92 -9.15
C THR A 14 -34.26 1.20 -8.41
N GLU A 15 -35.34 0.68 -8.97
CA GLU A 15 -36.69 0.77 -8.38
C GLU A 15 -37.32 2.17 -8.35
N GLY A 16 -37.09 2.95 -9.40
CA GLY A 16 -37.89 4.13 -9.66
C GLY A 16 -37.53 5.52 -9.15
N PHE A 17 -38.21 6.51 -9.73
CA PHE A 17 -38.00 7.93 -9.45
C PHE A 17 -39.16 8.55 -8.69
N ASP A 18 -39.50 7.98 -7.53
CA ASP A 18 -40.62 8.46 -6.73
C ASP A 18 -40.14 8.93 -5.37
N PRO A 19 -40.30 10.24 -5.09
CA PRO A 19 -39.97 10.77 -3.77
C PRO A 19 -40.72 10.01 -2.67
N MET A 20 -41.89 9.49 -3.03
CA MET A 20 -42.72 8.68 -2.13
C MET A 20 -42.09 7.33 -1.75
N LEU A 21 -41.29 6.74 -2.63
CA LEU A 21 -40.75 5.41 -2.35
C LEU A 21 -39.41 5.56 -1.68
N GLY A 22 -38.77 6.71 -1.88
CA GLY A 22 -37.44 6.93 -1.37
C GLY A 22 -36.58 7.80 -2.26
N TRP A 23 -35.97 8.81 -1.66
CA TRP A 23 -35.05 9.71 -2.33
C TRP A 23 -33.62 9.21 -2.18
N SER A 24 -33.49 7.92 -1.92
CA SER A 24 -32.20 7.33 -1.54
C SER A 24 -31.11 7.42 -2.61
N HIS A 25 -31.47 7.24 -3.89
CA HIS A 25 -30.44 7.13 -4.93
C HIS A 25 -29.63 8.42 -5.07
N GLY A 26 -30.31 9.54 -5.26
CA GLY A 26 -29.63 10.81 -5.45
C GLY A 26 -29.62 11.34 -6.87
N SER A 27 -30.19 10.58 -7.80
CA SER A 27 -30.41 11.09 -9.15
C SER A 27 -31.75 11.83 -9.23
N TYR A 28 -32.45 11.88 -8.10
CA TYR A 28 -33.71 12.60 -8.05
C TYR A 28 -33.50 14.09 -8.28
N LEU A 29 -32.30 14.58 -7.95
CA LEU A 29 -31.92 15.96 -8.22
C LEU A 29 -32.09 16.30 -9.69
N LEU A 30 -32.03 15.27 -10.53
CA LEU A 30 -32.21 15.45 -11.96
C LEU A 30 -33.68 15.71 -12.30
N LEU A 31 -34.58 14.88 -11.75
CA LEU A 31 -35.98 14.92 -12.16
C LEU A 31 -36.91 15.64 -11.19
N HIS A 32 -36.46 15.86 -9.97
CA HIS A 32 -37.31 16.41 -8.93
C HIS A 32 -36.74 17.67 -8.29
N SER A 33 -37.53 18.27 -7.40
CA SER A 33 -37.09 19.43 -6.63
C SER A 33 -37.86 19.50 -5.31
N PRO A 34 -37.12 19.58 -4.19
CA PRO A 34 -37.73 19.79 -2.87
C PRO A 34 -38.07 21.26 -2.66
N LEU A 35 -38.73 21.56 -1.54
CA LEU A 35 -39.07 22.94 -1.23
C LEU A 35 -37.84 23.80 -0.98
N LEU A 36 -36.81 23.20 -0.38
CA LEU A 36 -35.61 23.95 -0.02
C LEU A 36 -34.35 23.38 -0.68
N LYS A 37 -33.40 24.27 -0.94
CA LYS A 37 -32.07 23.88 -1.39
C LYS A 37 -31.04 24.46 -0.43
N GLN A 38 -30.08 23.64 -0.04
CA GLN A 38 -29.09 24.04 0.97
C GLN A 38 -28.03 24.96 0.38
N ASN A 39 -27.59 25.93 1.17
CA ASN A 39 -26.55 26.84 0.72
C ASN A 39 -25.18 26.41 1.24
N GLU A 40 -24.15 27.10 0.79
CA GLU A 40 -22.78 26.77 1.16
C GLU A 40 -22.49 27.16 2.61
N ASP A 41 -23.26 28.11 3.14
CA ASP A 41 -23.18 28.47 4.56
C ASP A 41 -24.18 27.65 5.37
N PHE A 42 -24.68 26.59 4.76
CA PHE A 42 -25.62 25.65 5.38
C PHE A 42 -26.94 26.29 5.78
N SER A 43 -27.21 27.48 5.26
CA SER A 43 -28.54 28.07 5.36
C SER A 43 -29.39 27.48 4.26
N TRP A 44 -30.64 27.90 4.16
CA TRP A 44 -31.53 27.32 3.16
C TRP A 44 -32.19 28.36 2.27
N ASP A 45 -32.08 28.17 0.97
CA ASP A 45 -32.84 28.95 -0.01
C ASP A 45 -33.96 28.08 -0.54
N SER A 46 -34.75 28.63 -1.46
CA SER A 46 -35.87 27.86 -2.01
C SER A 46 -36.11 28.13 -3.48
N LEU A 47 -36.40 27.06 -4.21
CA LEU A 47 -36.81 27.16 -5.60
C LEU A 47 -38.31 27.41 -5.70
N LEU A 48 -39.06 26.78 -4.80
CA LEU A 48 -40.51 26.74 -4.89
C LEU A 48 -41.23 27.69 -3.95
N LEU A 49 -40.50 28.27 -2.99
CA LEU A 49 -41.13 29.10 -1.97
C LEU A 49 -40.62 30.54 -1.96
N SER A 50 -41.55 31.48 -1.85
CA SER A 50 -41.20 32.87 -1.62
C SER A 50 -40.80 33.06 -0.17
N GLN A 51 -41.50 32.36 0.72
CA GLN A 51 -41.28 32.48 2.15
C GLN A 51 -41.54 31.15 2.87
N TYR A 52 -40.71 30.86 3.87
CA TYR A 52 -40.89 29.69 4.71
C TYR A 52 -40.49 30.00 6.15
N GLN A 53 -41.48 30.10 7.03
CA GLN A 53 -41.23 30.50 8.40
C GLN A 53 -41.73 29.48 9.42
N PRO A 54 -40.80 28.94 10.22
CA PRO A 54 -41.16 28.09 11.35
C PRO A 54 -41.51 28.97 12.54
N SER A 55 -42.41 28.49 13.41
CA SER A 55 -42.82 29.28 14.56
C SER A 55 -41.74 29.24 15.63
N ASP A 56 -41.89 30.06 16.66
CA ASP A 56 -40.90 30.14 17.73
C ASP A 56 -40.83 28.84 18.51
N ASP A 57 -41.97 28.15 18.64
CA ASP A 57 -42.01 26.87 19.32
C ASP A 57 -41.26 25.81 18.51
N GLY A 58 -41.18 26.03 17.20
CA GLY A 58 -40.51 25.10 16.31
C GLY A 58 -41.40 23.94 15.92
N LYS A 59 -42.64 23.97 16.37
CA LYS A 59 -43.58 22.89 16.15
C LYS A 59 -44.40 23.01 14.86
N THR A 60 -44.42 24.20 14.26
CA THR A 60 -45.15 24.40 13.02
C THR A 60 -44.38 25.23 11.98
N TRP A 61 -44.62 24.94 10.70
CA TRP A 61 -43.99 25.66 9.60
C TRP A 61 -45.03 26.32 8.71
N LEU A 62 -44.79 27.56 8.29
CA LEU A 62 -45.66 28.19 7.30
C LEU A 62 -44.93 28.40 5.98
N LEU A 63 -45.46 27.82 4.92
CA LEU A 63 -44.81 27.83 3.63
C LEU A 63 -45.63 28.58 2.58
N THR A 64 -45.06 29.65 2.04
CA THR A 64 -45.71 30.39 0.97
C THR A 64 -45.05 30.07 -0.36
N LEU A 65 -45.82 29.48 -1.27
CA LEU A 65 -45.30 29.10 -2.59
C LEU A 65 -45.24 30.29 -3.53
N LYS A 66 -44.29 30.25 -4.45
CA LYS A 66 -44.22 31.23 -5.53
C LYS A 66 -45.41 31.02 -6.46
N PRO A 67 -45.90 32.10 -7.10
CA PRO A 67 -47.04 31.93 -8.02
C PRO A 67 -46.62 31.31 -9.35
N ASP A 68 -47.57 30.68 -10.04
CA ASP A 68 -47.38 30.18 -11.40
C ASP A 68 -46.27 29.13 -11.53
N LEU A 69 -46.20 28.21 -10.58
CA LEU A 69 -45.27 27.09 -10.66
C LEU A 69 -45.92 25.92 -11.41
N LYS A 70 -45.12 25.20 -12.19
CA LYS A 70 -45.65 24.11 -12.99
C LYS A 70 -44.76 22.86 -12.93
N PHE A 71 -45.33 21.71 -13.30
CA PHE A 71 -44.57 20.47 -13.39
C PHE A 71 -43.93 20.30 -14.77
N SER A 72 -43.24 19.18 -14.95
CA SER A 72 -42.56 18.89 -16.21
C SER A 72 -43.55 18.68 -17.36
N ASP A 73 -44.78 18.31 -17.03
CA ASP A 73 -45.80 18.08 -18.06
C ASP A 73 -46.60 19.35 -18.37
N GLY A 74 -46.42 20.37 -17.56
CA GLY A 74 -47.10 21.63 -17.73
C GLY A 74 -48.28 21.86 -16.78
N SER A 75 -48.55 20.87 -15.95
CA SER A 75 -49.62 20.99 -14.96
C SER A 75 -49.18 21.92 -13.83
N PRO A 76 -50.12 22.70 -13.29
CA PRO A 76 -49.81 23.68 -12.24
C PRO A 76 -49.31 23.07 -10.93
N LEU A 77 -48.35 23.74 -10.30
CA LEU A 77 -47.80 23.33 -9.01
C LEU A 77 -48.30 24.26 -7.91
N THR A 78 -49.14 23.72 -7.03
CA THR A 78 -49.72 24.51 -5.95
C THR A 78 -49.71 23.79 -4.61
N ALA A 79 -50.34 24.39 -3.62
CA ALA A 79 -50.35 23.88 -2.25
C ALA A 79 -50.92 22.46 -2.12
N LYS A 80 -51.87 22.12 -3.00
CA LYS A 80 -52.47 20.79 -2.99
C LYS A 80 -51.40 19.72 -3.19
N ASP A 81 -50.41 20.02 -4.03
CA ASP A 81 -49.37 19.08 -4.40
C ASP A 81 -48.34 18.94 -3.28
N VAL A 82 -48.02 20.05 -2.62
CA VAL A 82 -47.11 20.03 -1.48
C VAL A 82 -47.72 19.23 -0.33
N ALA A 83 -48.96 19.58 0.02
CA ALA A 83 -49.68 18.89 1.08
C ALA A 83 -49.82 17.39 0.79
N PHE A 84 -50.25 17.08 -0.44
CA PHE A 84 -50.36 15.71 -0.89
C PHE A 84 -49.03 15.00 -0.71
N THR A 85 -47.96 15.63 -1.20
CA THR A 85 -46.62 15.08 -1.10
C THR A 85 -46.24 14.71 0.33
N TYR A 86 -46.28 15.70 1.22
CA TYR A 86 -45.83 15.48 2.59
C TYR A 86 -46.71 14.50 3.36
N ASN A 87 -48.03 14.66 3.28
CA ASN A 87 -48.95 13.76 3.98
C ASN A 87 -48.86 12.32 3.48
N ASN A 88 -48.78 12.15 2.16
CA ASN A 88 -48.70 10.82 1.57
C ASN A 88 -47.36 10.16 1.88
N ALA A 89 -46.27 10.92 1.83
CA ALA A 89 -44.96 10.37 2.15
C ALA A 89 -44.93 10.01 3.63
N ALA A 90 -45.68 10.78 4.42
CA ALA A 90 -45.77 10.56 5.86
C ALA A 90 -46.45 9.23 6.16
N ALA A 91 -47.58 9.00 5.49
CA ALA A 91 -48.41 7.85 5.81
C ALA A 91 -47.98 6.58 5.07
N SER A 92 -47.16 6.75 4.04
CA SER A 92 -46.78 5.63 3.17
C SER A 92 -46.01 4.56 3.94
N GLY A 93 -45.22 4.99 4.91
CA GLY A 93 -44.50 4.07 5.78
C GLY A 93 -43.29 3.44 5.11
N GLY A 94 -43.12 3.71 3.82
CA GLY A 94 -41.98 3.22 3.06
C GLY A 94 -40.77 4.11 3.22
N LYS A 95 -40.06 3.93 4.34
CA LYS A 95 -38.95 4.81 4.72
C LYS A 95 -39.46 6.24 4.74
N VAL A 96 -38.71 7.15 4.10
CA VAL A 96 -39.03 8.58 4.10
C VAL A 96 -39.22 9.04 5.55
N ASP A 97 -38.11 9.35 6.21
CA ASP A 97 -38.14 9.82 7.60
C ASP A 97 -38.82 11.18 7.71
N MET A 98 -40.00 11.19 8.33
CA MET A 98 -40.74 12.44 8.51
C MET A 98 -40.62 12.96 9.94
N GLY A 99 -39.99 12.17 10.81
CA GLY A 99 -39.80 12.56 12.20
C GLY A 99 -41.10 12.80 12.95
N ASN A 100 -41.21 14.01 13.52
CA ASN A 100 -42.35 14.36 14.35
C ASN A 100 -43.52 14.94 13.54
N PHE A 101 -43.46 14.79 12.22
CA PHE A 101 -44.48 15.32 11.32
C PHE A 101 -45.89 14.84 11.62
N LEU A 102 -46.83 15.77 11.70
CA LEU A 102 -48.24 15.44 11.83
C LEU A 102 -49.01 15.64 10.54
N SER A 103 -49.10 16.88 10.06
CA SER A 103 -49.97 17.14 8.92
C SER A 103 -49.58 18.33 8.05
N ALA A 104 -50.13 18.38 6.85
CA ALA A 104 -50.00 19.54 5.98
C ALA A 104 -51.38 20.05 5.59
N GLU A 105 -51.71 21.29 5.96
CA GLU A 105 -53.03 21.81 5.68
C GLU A 105 -52.96 22.90 4.61
N VAL A 106 -53.94 22.87 3.70
CA VAL A 106 -54.02 23.85 2.61
C VAL A 106 -54.89 25.04 2.99
N ILE A 107 -54.27 26.20 3.20
CA ILE A 107 -55.01 27.42 3.48
C ILE A 107 -55.56 28.01 2.18
N ASP A 108 -54.65 28.29 1.25
CA ASP A 108 -54.99 28.87 -0.05
C ASP A 108 -54.10 28.17 -1.08
N PRO A 109 -54.38 28.33 -2.38
CA PRO A 109 -53.52 27.73 -3.40
C PRO A 109 -52.02 28.02 -3.25
N LEU A 110 -51.65 29.10 -2.56
CA LEU A 110 -50.24 29.44 -2.39
C LEU A 110 -49.65 29.23 -0.98
N ASN A 111 -50.44 28.75 -0.02
CA ASN A 111 -49.94 28.59 1.35
C ASN A 111 -50.22 27.22 1.98
N VAL A 112 -49.18 26.60 2.52
CA VAL A 112 -49.30 25.34 3.25
C VAL A 112 -48.84 25.49 4.70
N ARG A 113 -49.58 24.91 5.64
CA ARG A 113 -49.16 24.94 7.05
C ARG A 113 -48.83 23.53 7.53
N ILE A 114 -47.59 23.32 7.95
CA ILE A 114 -47.14 22.02 8.42
C ILE A 114 -47.14 21.95 9.94
N HIS A 115 -47.77 20.91 10.46
CA HIS A 115 -47.87 20.66 11.90
C HIS A 115 -47.02 19.47 12.30
N LEU A 116 -46.23 19.68 13.36
CA LEU A 116 -45.32 18.66 13.89
C LEU A 116 -45.72 18.33 15.34
N LYS A 117 -45.46 17.10 15.77
CA LYS A 117 -45.72 16.71 17.15
C LYS A 117 -44.89 17.52 18.14
N ALA A 118 -43.58 17.57 17.89
CA ALA A 118 -42.64 18.23 18.77
C ALA A 118 -41.61 18.97 17.92
N PRO A 119 -40.87 19.92 18.53
CA PRO A 119 -39.79 20.56 17.78
C PRO A 119 -38.80 19.56 17.22
N GLN A 120 -38.41 19.74 15.96
CA GLN A 120 -37.46 18.84 15.31
C GLN A 120 -36.48 19.66 14.46
N SER A 121 -35.22 19.69 14.90
CA SER A 121 -34.21 20.52 14.26
C SER A 121 -33.82 19.99 12.88
N THR A 122 -34.17 18.74 12.62
CA THR A 122 -33.80 18.11 11.36
C THR A 122 -34.94 18.04 10.36
N PHE A 123 -36.08 18.64 10.69
CA PHE A 123 -37.21 18.66 9.76
C PHE A 123 -36.89 19.57 8.58
N VAL A 124 -36.01 20.54 8.81
CA VAL A 124 -35.54 21.41 7.75
C VAL A 124 -34.82 20.59 6.68
N ASN A 125 -34.24 19.46 7.09
CA ASN A 125 -33.60 18.55 6.16
C ASN A 125 -34.63 17.77 5.35
N VAL A 126 -35.78 17.48 5.97
CA VAL A 126 -36.90 16.86 5.27
C VAL A 126 -37.42 17.82 4.20
N LEU A 127 -37.57 19.09 4.58
CA LEU A 127 -38.01 20.12 3.64
C LEU A 127 -37.05 20.27 2.47
N GLY A 128 -35.79 19.93 2.70
CA GLY A 128 -34.76 20.06 1.68
C GLY A 128 -34.44 18.77 0.95
N SER A 129 -35.23 17.74 1.20
CA SER A 129 -34.98 16.43 0.59
C SER A 129 -36.18 15.88 -0.17
N LEU A 130 -37.33 15.82 0.50
CA LEU A 130 -38.54 15.26 -0.09
C LEU A 130 -38.99 16.00 -1.34
N GLY A 131 -39.05 15.28 -2.45
CA GLY A 131 -39.44 15.88 -3.72
C GLY A 131 -40.94 16.05 -3.85
N ILE A 132 -41.36 17.07 -4.58
CA ILE A 132 -42.78 17.38 -4.72
C ILE A 132 -43.40 16.65 -5.91
N VAL A 133 -44.52 15.97 -5.65
CA VAL A 133 -45.23 15.23 -6.68
C VAL A 133 -46.57 15.89 -6.99
N SER A 134 -47.17 15.57 -8.13
CA SER A 134 -48.46 16.13 -8.52
C SER A 134 -49.59 15.36 -7.84
N ALA A 135 -50.43 16.08 -7.10
CA ALA A 135 -51.51 15.44 -6.35
C ALA A 135 -52.47 14.68 -7.26
N ASP A 136 -52.82 15.28 -8.39
CA ASP A 136 -53.73 14.66 -9.34
C ASP A 136 -53.11 13.47 -10.06
N LYS A 137 -51.97 13.71 -10.69
CA LYS A 137 -51.36 12.75 -11.60
C LYS A 137 -50.53 11.65 -10.94
N TYR A 138 -50.24 11.77 -9.65
CA TYR A 138 -49.42 10.76 -8.98
C TYR A 138 -50.13 9.42 -8.83
N ASN A 139 -49.44 8.37 -9.28
CA ASN A 139 -49.84 7.00 -9.00
C ASN A 139 -48.57 6.18 -8.80
N ALA A 140 -48.58 5.27 -7.83
CA ALA A 140 -47.39 4.51 -7.49
C ALA A 140 -46.88 3.62 -8.63
N LYS A 141 -47.78 3.28 -9.56
CA LYS A 141 -47.44 2.39 -10.66
C LYS A 141 -46.76 3.10 -11.83
N THR A 142 -47.30 4.24 -12.25
CA THR A 142 -46.82 4.88 -13.47
C THR A 142 -45.75 5.94 -13.16
N TYR A 143 -45.65 6.32 -11.89
CA TYR A 143 -44.67 7.34 -11.51
C TYR A 143 -43.26 6.85 -11.54
N ALA A 144 -43.06 5.65 -10.97
CA ALA A 144 -41.72 5.07 -10.85
C ALA A 144 -41.03 4.93 -12.19
N GLN A 145 -41.80 4.58 -13.22
CA GLN A 145 -41.26 4.42 -14.56
C GLN A 145 -41.13 5.74 -15.30
N LYS A 146 -42.22 6.52 -15.33
CA LYS A 146 -42.23 7.80 -16.02
C LYS A 146 -42.82 8.90 -15.14
N PRO A 147 -41.97 9.54 -14.33
CA PRO A 147 -42.36 10.54 -13.32
C PRO A 147 -42.53 11.95 -13.88
N ILE A 148 -43.12 12.82 -13.07
CA ILE A 148 -43.23 14.24 -13.37
C ILE A 148 -42.79 15.04 -12.14
N GLY A 149 -41.98 16.07 -12.36
CA GLY A 149 -41.42 16.81 -11.25
C GLY A 149 -41.08 18.25 -11.54
N ALA A 150 -40.50 18.93 -10.55
CA ALA A 150 -40.10 20.32 -10.68
C ALA A 150 -38.61 20.42 -10.98
N GLY A 151 -37.99 19.28 -11.29
CA GLY A 151 -36.57 19.23 -11.57
C GLY A 151 -36.14 20.01 -12.80
N PRO A 152 -34.83 20.19 -12.97
CA PRO A 152 -34.26 20.88 -14.14
C PRO A 152 -34.39 20.07 -15.42
N TYR A 153 -34.65 18.77 -15.27
CA TYR A 153 -34.75 17.88 -16.42
C TYR A 153 -35.94 16.94 -16.26
N ARG A 154 -36.45 16.44 -17.38
CA ARG A 154 -37.52 15.45 -17.36
C ARG A 154 -37.13 14.22 -18.16
N LEU A 155 -37.56 13.06 -17.70
CA LEU A 155 -37.16 11.79 -18.30
C LEU A 155 -37.68 11.64 -19.73
N VAL A 156 -36.81 11.15 -20.61
CA VAL A 156 -37.18 10.86 -22.00
C VAL A 156 -37.10 9.37 -22.27
N SER A 157 -35.92 8.78 -22.05
CA SER A 157 -35.74 7.35 -22.28
C SER A 157 -35.06 6.68 -21.08
N PHE A 158 -35.29 5.38 -20.91
CA PHE A 158 -34.58 4.62 -19.89
C PHE A 158 -34.35 3.18 -20.34
N GLN A 159 -33.09 2.82 -20.52
CA GLN A 159 -32.72 1.45 -20.86
C GLN A 159 -31.92 0.84 -19.71
N PRO A 160 -32.54 -0.08 -18.95
CA PRO A 160 -31.92 -0.68 -17.77
C PRO A 160 -30.63 -1.41 -18.12
N GLY A 161 -29.54 -1.07 -17.41
CA GLY A 161 -28.26 -1.68 -17.69
C GLY A 161 -27.51 -0.98 -18.81
N GLN A 162 -28.21 -0.11 -19.53
CA GLN A 162 -27.64 0.56 -20.69
C GLN A 162 -27.46 2.05 -20.44
N GLN A 163 -28.56 2.81 -20.50
CA GLN A 163 -28.48 4.26 -20.40
C GLN A 163 -29.75 4.86 -19.80
N MET A 164 -29.71 6.18 -19.60
CA MET A 164 -30.87 6.97 -19.20
C MET A 164 -30.81 8.34 -19.85
N ILE A 165 -31.85 8.71 -20.60
CA ILE A 165 -31.86 9.98 -21.32
C ILE A 165 -32.90 10.95 -20.78
N VAL A 166 -32.46 12.17 -20.49
CA VAL A 166 -33.34 13.22 -19.97
C VAL A 166 -33.16 14.51 -20.77
N GLU A 167 -34.19 15.37 -20.74
CA GLU A 167 -34.17 16.63 -21.45
C GLU A 167 -34.53 17.78 -20.52
N ALA A 168 -34.09 18.99 -20.86
CA ALA A 168 -34.35 20.16 -20.02
C ALA A 168 -35.84 20.44 -19.84
N ASN A 169 -36.25 20.63 -18.59
CA ASN A 169 -37.62 20.99 -18.26
C ASN A 169 -37.90 22.46 -18.56
N PRO A 170 -38.84 22.71 -19.49
CA PRO A 170 -39.20 24.08 -19.86
C PRO A 170 -39.90 24.81 -18.71
N TYR A 171 -40.50 24.05 -17.81
CA TYR A 171 -41.29 24.60 -16.71
C TYR A 171 -40.46 24.74 -15.43
N TYR A 172 -39.15 24.52 -15.55
CA TYR A 172 -38.24 24.66 -14.42
C TYR A 172 -38.32 26.08 -13.85
N ALA A 173 -38.43 26.19 -12.53
CA ALA A 173 -38.56 27.49 -11.89
C ALA A 173 -37.21 28.15 -11.71
N GLY A 174 -36.14 27.37 -11.84
CA GLY A 174 -34.80 27.87 -11.65
C GLY A 174 -34.07 28.17 -12.94
N ASN A 175 -32.77 28.43 -12.84
CA ASN A 175 -31.99 28.80 -14.01
C ASN A 175 -31.65 27.60 -14.90
N LYS A 176 -31.47 27.88 -16.18
CA LYS A 176 -31.18 26.86 -17.18
C LYS A 176 -29.68 26.82 -17.47
N ASN A 177 -29.14 25.62 -17.70
CA ASN A 177 -27.74 25.50 -18.06
C ASN A 177 -27.57 25.46 -19.58
N ASP A 178 -26.35 25.14 -20.03
CA ASP A 178 -26.04 25.13 -21.45
C ASP A 178 -26.29 23.77 -22.10
N PHE A 179 -26.88 22.85 -21.36
CA PHE A 179 -27.12 21.49 -21.86
C PHE A 179 -28.59 21.11 -21.84
N ASP A 180 -29.20 21.04 -23.02
CA ASP A 180 -30.63 20.75 -23.13
C ASP A 180 -30.94 19.26 -23.08
N LYS A 181 -29.96 18.42 -23.42
CA LYS A 181 -30.16 16.97 -23.33
C LYS A 181 -28.98 16.26 -22.65
N LEU A 182 -29.30 15.38 -21.70
CA LEU A 182 -28.29 14.65 -20.97
C LEU A 182 -28.49 13.14 -21.09
N ILE A 183 -27.43 12.44 -21.47
CA ILE A 183 -27.45 10.98 -21.56
C ILE A 183 -26.50 10.39 -20.52
N PHE A 184 -27.03 9.57 -19.62
CA PHE A 184 -26.23 8.96 -18.57
C PHE A 184 -26.01 7.48 -18.86
N VAL A 185 -24.75 7.10 -19.08
CA VAL A 185 -24.41 5.72 -19.35
C VAL A 185 -23.99 5.02 -18.07
N PHE A 186 -24.40 3.76 -17.92
CA PHE A 186 -24.12 3.01 -16.71
C PHE A 186 -22.95 2.05 -16.92
N LEU A 187 -21.79 2.43 -16.40
CA LEU A 187 -20.56 1.67 -16.60
C LEU A 187 -19.77 1.61 -15.30
N ASP A 188 -18.89 0.61 -15.18
CA ASP A 188 -17.97 0.57 -14.06
C ASP A 188 -16.91 1.65 -14.25
N GLU A 189 -16.10 1.87 -13.23
CA GLU A 189 -15.13 2.96 -13.25
C GLU A 189 -14.13 2.86 -14.40
N ASP A 190 -13.68 1.64 -14.66
CA ASP A 190 -12.68 1.39 -15.69
C ASP A 190 -13.24 1.58 -17.10
N SER A 191 -14.43 1.02 -17.35
CA SER A 191 -15.11 1.22 -18.64
C SER A 191 -15.40 2.69 -18.85
N ALA A 192 -15.78 3.37 -17.78
CA ALA A 192 -16.08 4.79 -17.83
C ALA A 192 -14.83 5.59 -18.20
N PHE A 193 -13.69 5.24 -17.57
CA PHE A 193 -12.42 5.91 -17.87
C PHE A 193 -12.04 5.67 -19.33
N ALA A 194 -12.26 4.45 -19.80
CA ALA A 194 -11.95 4.10 -21.18
C ALA A 194 -12.80 4.92 -22.14
N ALA A 195 -14.06 5.11 -21.79
CA ALA A 195 -14.98 5.87 -22.63
C ALA A 195 -14.66 7.37 -22.56
N ALA A 196 -14.06 7.79 -21.46
CA ALA A 196 -13.64 9.17 -21.29
C ALA A 196 -12.43 9.48 -22.17
N GLN A 197 -11.49 8.54 -22.22
CA GLN A 197 -10.27 8.74 -22.99
C GLN A 197 -10.54 8.62 -24.48
N SER A 198 -11.52 7.79 -24.85
CA SER A 198 -11.86 7.60 -26.24
C SER A 198 -12.66 8.79 -26.77
N GLY A 199 -13.17 9.60 -25.85
CA GLY A 199 -13.95 10.77 -26.22
C GLY A 199 -15.43 10.49 -26.38
N GLN A 200 -15.86 9.30 -25.93
CA GLN A 200 -17.26 8.91 -26.02
C GLN A 200 -18.12 9.68 -25.01
N LEU A 201 -17.52 10.05 -23.89
CA LEU A 201 -18.25 10.72 -22.82
C LEU A 201 -17.66 12.08 -22.53
N GLY A 202 -18.52 13.02 -22.12
CA GLY A 202 -18.07 14.37 -21.81
C GLY A 202 -17.74 14.58 -20.35
N VAL A 203 -18.40 13.80 -19.49
CA VAL A 203 -18.16 13.87 -18.05
C VAL A 203 -18.11 12.44 -17.49
N VAL A 204 -17.05 12.13 -16.75
CA VAL A 204 -16.91 10.80 -16.15
C VAL A 204 -16.40 10.91 -14.72
N ARG A 205 -16.94 10.10 -13.82
CA ARG A 205 -16.44 10.09 -12.46
C ARG A 205 -15.31 9.07 -12.34
N ILE A 206 -14.20 9.48 -11.74
CA ILE A 206 -13.06 8.57 -11.58
C ILE A 206 -12.61 8.51 -10.12
N PRO A 207 -12.05 7.37 -9.70
CA PRO A 207 -11.47 7.29 -8.36
C PRO A 207 -10.23 8.18 -8.26
N PRO A 208 -10.03 8.82 -7.10
CA PRO A 208 -8.90 9.73 -6.87
C PRO A 208 -7.55 9.11 -7.20
N SER A 209 -7.44 7.80 -7.03
CA SER A 209 -6.23 7.07 -7.39
C SER A 209 -5.90 7.25 -8.87
N MET A 210 -6.93 7.45 -9.68
CA MET A 210 -6.74 7.56 -11.12
C MET A 210 -6.55 9.00 -11.56
N ALA A 211 -6.63 9.92 -10.61
CA ALA A 211 -6.47 11.33 -10.94
C ALA A 211 -4.98 11.63 -11.03
N VAL A 212 -4.37 11.16 -12.11
CA VAL A 212 -2.93 11.22 -12.29
C VAL A 212 -2.68 11.26 -13.79
N GLY A 213 -1.68 12.02 -14.22
CA GLY A 213 -1.38 12.12 -15.63
C GLY A 213 -2.42 12.95 -16.34
N SER A 214 -2.29 13.07 -17.65
CA SER A 214 -3.17 13.92 -18.45
C SER A 214 -3.95 13.11 -19.48
N VAL A 215 -5.25 13.34 -19.55
CA VAL A 215 -6.10 12.73 -20.56
C VAL A 215 -6.37 13.75 -21.67
N ASN A 216 -6.30 13.30 -22.92
CA ASN A 216 -6.51 14.19 -24.06
C ASN A 216 -7.89 14.84 -24.06
N ASN A 217 -7.91 16.14 -24.34
CA ASN A 217 -9.14 16.91 -24.46
C ASN A 217 -9.98 16.87 -23.19
N MET A 218 -9.35 16.56 -22.07
CA MET A 218 -10.06 16.48 -20.81
C MET A 218 -9.32 17.17 -19.68
N LYS A 219 -10.08 17.45 -18.63
CA LYS A 219 -9.64 18.25 -17.51
C LYS A 219 -10.15 17.61 -16.24
N LEU A 220 -9.31 17.57 -15.21
CA LEU A 220 -9.69 17.01 -13.92
C LEU A 220 -10.48 18.03 -13.12
N TRP A 221 -11.52 17.56 -12.46
CA TRP A 221 -12.31 18.42 -11.58
C TRP A 221 -12.34 17.80 -10.19
N VAL A 222 -11.73 18.50 -9.24
CA VAL A 222 -11.76 18.09 -7.84
C VAL A 222 -12.87 18.84 -7.12
N ARG A 223 -13.88 18.11 -6.68
CA ARG A 223 -15.03 18.69 -6.03
C ARG A 223 -14.95 18.47 -4.54
N PRO A 224 -15.11 19.57 -3.77
CA PRO A 224 -15.16 19.52 -2.32
C PRO A 224 -16.30 18.62 -1.85
N SER A 225 -16.02 17.77 -0.89
CA SER A 225 -16.99 16.77 -0.47
C SER A 225 -16.89 16.45 1.01
N VAL A 226 -18.01 16.05 1.60
CA VAL A 226 -18.04 15.64 3.00
C VAL A 226 -18.08 14.12 3.13
N GLU A 227 -18.06 13.43 1.99
CA GLU A 227 -18.00 11.98 2.00
C GLU A 227 -16.73 11.53 2.71
N ASN A 228 -16.85 10.51 3.56
CA ASN A 228 -15.71 10.13 4.38
C ASN A 228 -15.34 8.64 4.31
N ARG A 229 -14.27 8.31 5.01
CA ARG A 229 -13.80 6.95 5.16
C ARG A 229 -13.34 6.78 6.60
N GLY A 230 -13.79 5.70 7.23
CA GLY A 230 -13.43 5.44 8.61
C GLY A 230 -13.56 3.98 9.00
N ILE A 231 -12.97 3.64 10.16
CA ILE A 231 -13.09 2.30 10.71
C ILE A 231 -14.02 2.33 11.92
N VAL A 232 -15.02 1.45 11.93
CA VAL A 232 -15.87 1.31 13.10
C VAL A 232 -15.42 0.12 13.95
N PHE A 233 -15.29 0.36 15.26
CA PHE A 233 -14.87 -0.66 16.22
C PHE A 233 -16.02 -1.31 16.97
N PRO A 234 -15.97 -2.64 17.12
CA PRO A 234 -16.82 -3.28 18.14
C PRO A 234 -16.44 -2.78 19.53
N THR A 235 -17.38 -2.20 20.26
CA THR A 235 -17.06 -1.54 21.53
C THR A 235 -17.39 -2.40 22.74
N THR A 236 -17.93 -3.59 22.50
CA THR A 236 -18.29 -4.51 23.58
C THR A 236 -17.52 -5.82 23.43
N PRO A 237 -17.32 -6.54 24.54
CA PRO A 237 -16.70 -7.87 24.45
C PRO A 237 -17.55 -8.85 23.67
N ALA A 238 -16.95 -9.94 23.20
CA ALA A 238 -17.68 -10.94 22.40
C ALA A 238 -18.54 -11.84 23.27
N GLY A 239 -19.32 -12.70 22.63
CA GLY A 239 -20.16 -13.66 23.33
C GLY A 239 -21.66 -13.46 23.18
N LYS A 240 -22.05 -12.42 22.45
CA LYS A 240 -23.47 -12.20 22.15
C LYS A 240 -23.73 -12.21 20.66
N LYS A 241 -24.95 -12.57 20.28
CA LYS A 241 -25.35 -12.58 18.88
C LYS A 241 -26.58 -11.71 18.65
N ASP A 242 -26.73 -11.19 17.43
CA ASP A 242 -27.90 -10.38 17.09
C ASP A 242 -29.10 -11.26 16.78
N ALA A 243 -30.17 -10.67 16.28
CA ALA A 243 -31.38 -11.42 15.95
C ALA A 243 -31.15 -12.41 14.82
N HIS A 244 -30.13 -12.17 14.01
CA HIS A 244 -29.86 -13.02 12.85
C HIS A 244 -28.68 -13.95 13.07
N GLY A 245 -28.21 -14.03 14.32
CA GLY A 245 -27.16 -14.96 14.68
C GLY A 245 -25.76 -14.52 14.36
N TYR A 246 -25.57 -13.24 14.12
CA TYR A 246 -24.25 -12.70 13.81
C TYR A 246 -23.55 -12.31 15.11
N PRO A 247 -22.26 -12.68 15.22
CA PRO A 247 -21.51 -12.43 16.46
C PRO A 247 -21.30 -10.94 16.70
N ILE A 248 -21.50 -10.51 17.94
CA ILE A 248 -21.32 -9.12 18.31
C ILE A 248 -20.13 -8.98 19.26
N GLY A 249 -19.31 -7.96 19.03
CA GLY A 249 -18.24 -7.65 19.95
C GLY A 249 -16.87 -8.17 19.54
N ASN A 250 -15.83 -7.53 20.07
CA ASN A 250 -14.45 -7.95 19.85
C ASN A 250 -13.67 -7.77 21.15
N ASP A 251 -13.06 -8.84 21.64
CA ASP A 251 -12.37 -8.78 22.94
C ASP A 251 -11.17 -7.85 22.91
N VAL A 252 -10.59 -7.66 21.72
CA VAL A 252 -9.46 -6.75 21.58
C VAL A 252 -9.91 -5.30 21.50
N THR A 253 -10.85 -5.00 20.60
CA THR A 253 -11.24 -3.62 20.35
C THR A 253 -12.19 -3.07 21.41
N ALA A 254 -12.66 -3.93 22.31
CA ALA A 254 -13.48 -3.48 23.42
C ALA A 254 -12.66 -2.61 24.37
N ASP A 255 -11.35 -2.81 24.34
CA ASP A 255 -10.42 -1.96 25.07
C ASP A 255 -10.35 -0.58 24.40
N VAL A 256 -10.72 0.47 25.13
CA VAL A 256 -10.73 1.81 24.58
C VAL A 256 -9.30 2.27 24.26
N ALA A 257 -8.34 1.72 24.98
CA ALA A 257 -6.94 2.04 24.76
C ALA A 257 -6.47 1.61 23.38
N ILE A 258 -6.93 0.44 22.96
CA ILE A 258 -6.66 -0.05 21.61
C ILE A 258 -7.14 0.95 20.57
N ARG A 259 -8.36 1.43 20.76
CA ARG A 259 -9.00 2.33 19.80
C ARG A 259 -8.30 3.69 19.75
N ARG A 260 -7.94 4.22 20.92
CA ARG A 260 -7.23 5.49 21.00
C ARG A 260 -5.84 5.38 20.38
N ALA A 261 -5.16 4.26 20.66
CA ALA A 261 -3.83 4.03 20.12
C ALA A 261 -3.87 3.91 18.60
N ILE A 262 -4.88 3.22 18.08
CA ILE A 262 -5.05 3.11 16.64
C ILE A 262 -5.31 4.50 16.04
N ASN A 263 -6.16 5.28 16.70
CA ASN A 263 -6.39 6.66 16.27
C ASN A 263 -5.11 7.52 16.23
N TYR A 264 -4.22 7.32 17.20
CA TYR A 264 -3.00 8.13 17.27
C TYR A 264 -1.86 7.60 16.39
N ALA A 265 -1.90 6.33 16.04
CA ALA A 265 -0.83 5.72 15.24
C ALA A 265 -1.02 5.99 13.76
N ILE A 266 -2.27 6.12 13.34
CA ILE A 266 -2.59 6.34 11.94
C ILE A 266 -2.15 7.74 11.50
N ASN A 267 -1.54 7.83 10.32
CA ASN A 267 -1.22 9.14 9.75
C ASN A 267 -2.19 9.46 8.63
N ARG A 268 -3.17 10.32 8.94
CA ARG A 268 -4.24 10.61 8.01
C ARG A 268 -3.74 11.40 6.80
N GLN A 269 -2.75 12.27 7.02
CA GLN A 269 -2.17 13.04 5.93
C GLN A 269 -1.47 12.13 4.93
N LEU A 270 -0.80 11.09 5.43
CA LEU A 270 -0.16 10.11 4.58
C LEU A 270 -1.22 9.32 3.82
N LEU A 271 -2.35 9.05 4.46
CA LEU A 271 -3.45 8.37 3.81
C LEU A 271 -3.95 9.21 2.63
N ALA A 272 -4.10 10.51 2.86
CA ALA A 272 -4.55 11.42 1.82
C ALA A 272 -3.56 11.50 0.66
N ASP A 273 -2.29 11.73 0.97
CA ASP A 273 -1.27 11.96 -0.05
C ASP A 273 -0.86 10.70 -0.83
N GLN A 274 -0.77 9.57 -0.13
CA GLN A 274 -0.22 8.35 -0.72
C GLN A 274 -1.27 7.47 -1.39
N ILE A 275 -2.52 7.55 -0.93
CA ILE A 275 -3.58 6.75 -1.50
C ILE A 275 -4.56 7.56 -2.35
N MET A 276 -4.95 8.73 -1.85
CA MET A 276 -5.94 9.57 -2.52
C MET A 276 -5.31 10.63 -3.42
N GLU A 277 -3.98 10.54 -3.59
CA GLU A 277 -3.24 11.48 -4.45
C GLU A 277 -3.43 12.92 -4.01
N GLY A 278 -3.64 13.12 -2.70
CA GLY A 278 -3.82 14.45 -2.16
C GLY A 278 -5.25 14.95 -2.24
N HIS A 279 -6.15 14.11 -2.72
CA HIS A 279 -7.54 14.51 -2.93
C HIS A 279 -8.43 14.14 -1.74
N ALA A 280 -7.84 14.11 -0.56
CA ALA A 280 -8.61 13.98 0.68
C ALA A 280 -8.09 14.93 1.72
N ILE A 281 -8.88 15.18 2.76
CA ILE A 281 -8.37 15.91 3.91
C ILE A 281 -8.49 15.03 5.14
N PRO A 282 -7.56 15.15 6.09
CA PRO A 282 -7.66 14.30 7.28
C PRO A 282 -8.96 14.56 8.04
N ALA A 283 -9.64 13.47 8.39
CA ALA A 283 -10.87 13.56 9.16
C ALA A 283 -10.71 12.82 10.47
N TYR A 284 -11.03 13.50 11.57
CA TYR A 284 -10.93 12.88 12.89
C TYR A 284 -12.31 12.53 13.42
N THR A 285 -13.35 13.02 12.73
CA THR A 285 -14.73 12.70 13.07
C THR A 285 -15.53 12.38 11.82
N GLY A 286 -16.81 12.04 12.02
CA GLY A 286 -17.70 11.73 10.91
C GLY A 286 -18.31 12.99 10.32
N VAL A 287 -18.16 14.09 11.04
CA VAL A 287 -18.70 15.37 10.61
C VAL A 287 -17.62 16.40 10.35
N GLN A 288 -16.45 15.94 9.91
CA GLN A 288 -15.29 16.81 9.69
C GLN A 288 -15.57 17.99 8.76
N GLY A 289 -15.30 19.20 9.24
CA GLY A 289 -15.48 20.40 8.43
C GLY A 289 -16.90 20.96 8.43
N LEU A 290 -17.77 20.40 9.27
CA LEU A 290 -19.16 20.82 9.34
C LEU A 290 -19.40 21.67 10.60
N PRO A 291 -20.48 22.48 10.60
CA PRO A 291 -20.76 23.35 11.74
C PRO A 291 -20.94 22.59 13.06
N TRP A 292 -21.55 21.41 13.00
CA TRP A 292 -21.83 20.64 14.21
C TRP A 292 -20.66 19.76 14.63
N ASN A 293 -19.54 19.89 13.93
CA ASN A 293 -18.31 19.21 14.33
C ASN A 293 -17.69 19.86 15.55
N ASN A 294 -17.32 19.06 16.53
CA ASN A 294 -16.61 19.56 17.70
C ASN A 294 -15.27 20.15 17.26
N PRO A 295 -15.04 21.43 17.59
CA PRO A 295 -13.83 22.16 17.17
C PRO A 295 -12.54 21.59 17.76
N ASP A 296 -12.64 20.96 18.93
CA ASP A 296 -11.46 20.43 19.60
C ASP A 296 -11.32 18.91 19.40
N SER A 297 -12.03 18.38 18.42
CA SER A 297 -12.09 16.93 18.20
C SER A 297 -10.89 16.38 17.44
N ALA A 298 -9.96 17.24 17.08
CA ALA A 298 -8.78 16.82 16.32
C ALA A 298 -7.62 16.43 17.24
N ILE A 299 -6.79 15.50 16.78
CA ILE A 299 -5.58 15.11 17.51
C ILE A 299 -4.35 15.22 16.61
N LYS A 300 -3.17 15.15 17.21
CA LYS A 300 -1.95 15.08 16.41
C LYS A 300 -1.59 13.61 16.20
N ASP A 301 -1.94 13.10 15.03
CA ASP A 301 -1.85 11.67 14.78
C ASP A 301 -0.55 11.32 14.06
N GLY A 302 -0.42 10.05 13.69
CA GLY A 302 0.84 9.56 13.17
C GLY A 302 1.89 9.58 14.27
N ASP A 303 1.43 9.50 15.51
CA ASP A 303 2.30 9.54 16.67
C ASP A 303 2.46 8.13 17.25
N ILE A 304 3.58 7.49 16.89
CA ILE A 304 3.80 6.10 17.26
C ILE A 304 4.09 5.97 18.74
N ASP A 305 4.95 6.86 19.25
CA ASP A 305 5.34 6.82 20.65
C ASP A 305 4.16 7.04 21.60
N LYS A 306 3.22 7.88 21.21
CA LYS A 306 2.03 8.11 22.03
C LYS A 306 1.10 6.91 22.00
N ALA A 307 1.00 6.26 20.84
CA ALA A 307 0.20 5.06 20.71
C ALA A 307 0.77 3.95 21.58
N LYS A 308 2.08 3.78 21.52
CA LYS A 308 2.78 2.81 22.35
C LYS A 308 2.59 3.13 23.82
N GLN A 309 2.61 4.42 24.16
CA GLN A 309 2.42 4.85 25.54
C GLN A 309 1.02 4.52 26.05
N ILE A 310 0.03 4.76 25.19
CA ILE A 310 -1.35 4.42 25.50
C ILE A 310 -1.51 2.92 25.70
N LEU A 311 -0.92 2.12 24.81
CA LEU A 311 -1.01 0.67 24.91
C LEU A 311 -0.33 0.14 26.17
N GLU A 312 0.83 0.70 26.49
CA GLU A 312 1.58 0.28 27.68
C GLU A 312 0.82 0.65 28.95
N GLN A 313 0.22 1.84 28.95
CA GLN A 313 -0.52 2.32 30.12
C GLN A 313 -1.71 1.42 30.46
N ALA A 314 -2.34 0.84 29.43
CA ALA A 314 -3.49 -0.02 29.65
C ALA A 314 -3.11 -1.46 29.93
N GLY A 315 -1.81 -1.75 29.88
CA GLY A 315 -1.35 -3.10 30.16
C GLY A 315 -1.17 -3.95 28.91
N TRP A 316 -1.06 -3.31 27.75
CA TRP A 316 -0.76 -4.04 26.53
C TRP A 316 0.75 -4.06 26.32
N GLN A 317 1.34 -5.23 26.44
CA GLN A 317 2.79 -5.39 26.33
C GLN A 317 3.14 -6.35 25.20
N LEU A 318 4.28 -6.12 24.57
CA LEU A 318 4.77 -7.02 23.55
C LEU A 318 5.09 -8.37 24.15
N ASN A 319 4.62 -9.44 23.51
CA ASN A 319 4.97 -10.78 23.93
C ASN A 319 6.27 -11.23 23.25
N SER A 320 6.59 -12.51 23.34
CA SER A 320 7.80 -13.03 22.72
C SER A 320 7.70 -13.01 21.18
N GLN A 321 6.49 -12.91 20.66
CA GLN A 321 6.27 -12.97 19.22
C GLN A 321 6.20 -11.58 18.59
N GLY A 322 6.39 -10.55 19.40
CA GLY A 322 6.40 -9.19 18.89
C GLY A 322 5.02 -8.59 18.72
N THR A 323 4.03 -9.18 19.38
CA THR A 323 2.66 -8.70 19.31
C THR A 323 2.18 -8.27 20.69
N ARG A 324 1.41 -7.18 20.74
CA ARG A 324 0.81 -6.72 21.99
C ARG A 324 -0.08 -7.80 22.62
N GLU A 325 0.18 -8.09 23.89
CA GLU A 325 -0.65 -9.04 24.64
C GLU A 325 -1.17 -8.39 25.91
N LYS A 326 -2.38 -8.75 26.31
CA LYS A 326 -2.92 -8.34 27.59
C LYS A 326 -3.74 -9.49 28.18
N ASN A 327 -3.26 -10.01 29.30
CA ASN A 327 -3.87 -11.16 29.96
C ASN A 327 -4.01 -12.35 29.01
N GLY A 328 -2.93 -12.65 28.29
CA GLY A 328 -2.88 -13.80 27.41
C GLY A 328 -3.63 -13.61 26.10
N LEU A 329 -4.19 -12.42 25.91
CA LEU A 329 -5.00 -12.15 24.73
C LEU A 329 -4.24 -11.18 23.81
N PRO A 330 -3.77 -11.68 22.66
CA PRO A 330 -2.97 -10.90 21.71
C PRO A 330 -3.80 -9.87 20.93
N ALA A 331 -3.18 -8.76 20.58
CA ALA A 331 -3.86 -7.70 19.87
C ALA A 331 -3.94 -8.04 18.38
N LYS A 332 -4.54 -9.18 18.09
CA LYS A 332 -4.74 -9.64 16.73
C LYS A 332 -6.18 -9.35 16.30
N ILE A 333 -6.35 -8.52 15.27
CA ILE A 333 -7.69 -8.13 14.81
C ILE A 333 -7.86 -8.37 13.32
N THR A 334 -9.10 -8.55 12.89
CA THR A 334 -9.36 -8.68 11.46
C THR A 334 -10.18 -7.50 10.95
N LEU A 335 -9.58 -6.75 10.03
CA LEU A 335 -10.24 -5.63 9.39
C LEU A 335 -11.02 -6.08 8.17
N TRP A 336 -12.33 -5.86 8.20
CA TRP A 336 -13.20 -6.20 7.08
C TRP A 336 -13.49 -5.01 6.19
N TYR A 337 -13.65 -5.25 4.89
CA TYR A 337 -14.06 -4.21 3.96
C TYR A 337 -14.76 -4.78 2.73
N THR A 338 -15.44 -3.90 1.99
CA THR A 338 -16.22 -4.32 0.85
C THR A 338 -15.38 -4.38 -0.42
N SER A 339 -15.43 -5.50 -1.12
CA SER A 339 -14.69 -5.67 -2.35
C SER A 339 -15.36 -4.89 -3.48
N GLY A 340 -14.67 -4.80 -4.62
CA GLY A 340 -15.19 -4.05 -5.75
C GLY A 340 -14.79 -2.59 -5.71
N ASP A 341 -14.02 -2.22 -4.68
CA ASP A 341 -13.50 -0.87 -4.55
C ASP A 341 -12.00 -0.91 -4.30
N THR A 342 -11.23 -0.33 -5.20
CA THR A 342 -9.77 -0.37 -5.13
C THR A 342 -9.22 0.45 -3.97
N THR A 343 -9.78 1.64 -3.79
CA THR A 343 -9.27 2.58 -2.79
C THR A 343 -9.50 2.04 -1.38
N ARG A 344 -10.52 1.21 -1.20
CA ARG A 344 -10.79 0.60 0.10
C ARG A 344 -9.80 -0.50 0.40
N ARG A 345 -9.46 -1.29 -0.63
CA ARG A 345 -8.42 -2.30 -0.51
C ARG A 345 -7.09 -1.62 -0.14
N ASP A 346 -6.80 -0.52 -0.82
CA ASP A 346 -5.55 0.18 -0.60
C ASP A 346 -5.51 0.83 0.78
N LEU A 347 -6.65 1.37 1.21
CA LEU A 347 -6.77 1.99 2.52
C LEU A 347 -6.60 0.95 3.63
N ALA A 348 -7.24 -0.20 3.44
CA ALA A 348 -7.15 -1.29 4.40
C ALA A 348 -5.72 -1.80 4.51
N GLN A 349 -5.07 -1.99 3.36
CA GLN A 349 -3.68 -2.42 3.34
C GLN A 349 -2.78 -1.42 4.05
N ALA A 350 -2.99 -0.14 3.76
CA ALA A 350 -2.18 0.92 4.34
C ALA A 350 -2.34 0.97 5.85
N LEU A 351 -3.56 0.71 6.32
CA LEU A 351 -3.81 0.66 7.76
C LEU A 351 -3.13 -0.55 8.38
N ARG A 352 -3.17 -1.69 7.69
CA ARG A 352 -2.47 -2.89 8.17
C ARG A 352 -0.99 -2.61 8.34
N SER A 353 -0.44 -1.84 7.41
CA SER A 353 0.98 -1.48 7.49
C SER A 353 1.24 -0.43 8.57
N MET A 354 0.29 0.48 8.76
CA MET A 354 0.46 1.55 9.74
C MET A 354 0.38 1.06 11.19
N LEU A 355 -0.42 0.02 11.44
CA LEU A 355 -0.62 -0.45 12.81
C LEU A 355 0.41 -1.49 13.26
N LYS A 356 1.23 -1.98 12.34
CA LYS A 356 2.26 -2.95 12.68
C LYS A 356 3.33 -2.44 13.66
N PRO A 357 3.86 -1.21 13.45
CA PRO A 357 4.94 -0.77 14.35
C PRO A 357 4.53 -0.59 15.81
N ILE A 358 3.23 -0.54 16.10
CA ILE A 358 2.80 -0.41 17.48
C ILE A 358 2.42 -1.77 18.04
N GLY A 359 2.61 -2.82 17.25
CA GLY A 359 2.47 -4.17 17.74
C GLY A 359 1.08 -4.77 17.61
N ILE A 360 0.26 -4.18 16.74
CA ILE A 360 -1.07 -4.72 16.47
C ILE A 360 -1.12 -5.46 15.13
N ASP A 361 -1.44 -6.75 15.18
CA ASP A 361 -1.48 -7.59 14.00
C ASP A 361 -2.83 -7.51 13.30
N VAL A 362 -2.83 -6.96 12.09
CA VAL A 362 -4.06 -6.75 11.34
C VAL A 362 -4.22 -7.72 10.17
N ASP A 363 -5.26 -8.52 10.24
CA ASP A 363 -5.67 -9.40 9.16
C ASP A 363 -6.60 -8.62 8.23
N LEU A 364 -6.64 -9.00 6.96
CA LEU A 364 -7.54 -8.33 6.01
C LEU A 364 -8.55 -9.29 5.43
N LYS A 365 -9.82 -8.88 5.40
CA LYS A 365 -10.85 -9.67 4.74
C LYS A 365 -11.82 -8.80 3.94
N SER A 366 -11.92 -9.09 2.65
CA SER A 366 -12.84 -8.39 1.77
C SER A 366 -14.03 -9.26 1.44
N GLY A 367 -15.20 -8.64 1.32
CA GLY A 367 -16.37 -9.38 0.90
C GLY A 367 -17.43 -8.51 0.24
N SER A 368 -18.48 -9.15 -0.28
CA SER A 368 -19.66 -8.43 -0.71
C SER A 368 -20.35 -7.85 0.51
N TRP A 369 -21.22 -6.87 0.32
CA TRP A 369 -21.95 -6.29 1.45
C TRP A 369 -22.71 -7.37 2.22
N GLU A 370 -23.25 -8.35 1.48
CA GLU A 370 -23.94 -9.47 2.09
C GLU A 370 -23.02 -10.27 3.00
N THR A 371 -21.75 -10.34 2.63
CA THR A 371 -20.77 -11.07 3.41
C THR A 371 -20.28 -10.21 4.59
N VAL A 372 -20.14 -8.91 4.34
CA VAL A 372 -19.68 -7.99 5.36
C VAL A 372 -20.70 -7.84 6.49
N GLU A 373 -21.98 -7.90 6.15
CA GLU A 373 -23.08 -7.78 7.11
C GLU A 373 -22.95 -8.79 8.26
N ARG A 374 -22.39 -9.96 7.96
CA ARG A 374 -22.25 -11.02 8.95
C ARG A 374 -21.13 -10.76 9.93
N ASN A 375 -20.06 -10.12 9.46
CA ASN A 375 -18.87 -9.93 10.29
C ASN A 375 -18.66 -8.51 10.81
N MET A 376 -19.51 -7.57 10.41
CA MET A 376 -19.29 -6.16 10.74
C MET A 376 -19.57 -5.82 12.20
N HIS A 377 -20.19 -6.74 12.94
CA HIS A 377 -20.46 -6.52 14.35
C HIS A 377 -19.37 -7.10 15.25
N ALA A 378 -18.61 -8.06 14.73
CA ALA A 378 -17.60 -8.74 15.53
C ALA A 378 -16.18 -8.29 15.17
N ASN A 379 -16.08 -7.47 14.13
CA ASN A 379 -14.78 -7.04 13.64
C ASN A 379 -14.77 -5.56 13.30
N PRO A 380 -13.58 -4.93 13.38
CA PRO A 380 -13.44 -3.54 12.90
C PRO A 380 -13.73 -3.48 11.41
N THR A 381 -14.51 -2.50 10.97
CA THR A 381 -14.94 -2.53 9.56
C THR A 381 -14.79 -1.17 8.85
N LEU A 382 -14.47 -1.21 7.57
CA LEU A 382 -14.32 0.00 6.76
C LEU A 382 -15.67 0.48 6.28
N PHE A 383 -15.94 1.76 6.51
CA PHE A 383 -17.16 2.35 6.01
C PHE A 383 -16.91 3.71 5.39
N GLY A 384 -17.88 4.15 4.59
CA GLY A 384 -17.85 5.48 4.04
C GLY A 384 -19.23 6.10 4.17
N TRP A 385 -19.26 7.35 4.58
CA TRP A 385 -20.49 8.04 4.95
C TRP A 385 -20.30 9.52 4.64
N GLY A 386 -21.06 10.37 5.32
CA GLY A 386 -20.89 11.80 5.19
C GLY A 386 -22.04 12.44 4.45
N SER A 387 -22.52 13.57 4.99
CA SER A 387 -23.63 14.30 4.40
C SER A 387 -23.73 15.65 5.07
N LEU A 388 -24.66 16.47 4.60
CA LEU A 388 -24.85 17.80 5.18
C LEU A 388 -25.94 17.73 6.25
N ASP A 389 -26.36 16.50 6.57
CA ASP A 389 -27.38 16.25 7.57
C ASP A 389 -26.74 15.74 8.86
N PRO A 390 -26.95 16.46 9.97
CA PRO A 390 -26.39 16.10 11.29
C PRO A 390 -26.89 14.76 11.83
N MET A 391 -27.96 14.23 11.25
CA MET A 391 -28.51 12.95 11.68
C MET A 391 -27.50 11.82 11.59
N GLU A 392 -26.43 12.03 10.83
CA GLU A 392 -25.36 11.05 10.73
C GLU A 392 -24.85 10.73 12.12
N LEU A 393 -24.66 11.77 12.92
CA LEU A 393 -24.19 11.62 14.29
C LEU A 393 -25.11 10.68 15.07
N TYR A 394 -26.42 10.82 14.82
CA TYR A 394 -27.37 9.96 15.48
C TYR A 394 -27.18 8.52 15.00
N HIS A 395 -27.13 8.34 13.69
CA HIS A 395 -27.04 7.02 13.09
C HIS A 395 -25.80 6.27 13.58
N HIS A 396 -24.74 7.04 13.82
CA HIS A 396 -23.50 6.48 14.30
C HIS A 396 -23.57 6.14 15.79
N TYR A 397 -24.12 7.06 16.58
CA TYR A 397 -23.90 6.98 18.03
C TYR A 397 -25.13 6.80 18.91
N SER A 398 -26.30 6.61 18.32
CA SER A 398 -27.50 6.38 19.12
C SER A 398 -27.66 4.91 19.46
N SER A 399 -27.96 4.64 20.74
CA SER A 399 -28.16 3.26 21.19
C SER A 399 -29.30 2.62 20.41
N ASN A 400 -30.27 3.44 20.02
CA ASN A 400 -31.42 2.98 19.26
C ASN A 400 -31.06 2.61 17.81
N ALA A 401 -29.89 3.05 17.37
CA ALA A 401 -29.44 2.76 16.01
C ALA A 401 -28.52 1.55 15.93
N ALA A 402 -28.24 0.96 17.09
CA ALA A 402 -27.31 -0.16 17.19
C ALA A 402 -27.82 -1.40 16.47
N GLY A 403 -27.06 -1.87 15.48
CA GLY A 403 -27.42 -3.05 14.73
C GLY A 403 -28.42 -2.81 13.60
N VAL A 404 -28.96 -1.60 13.54
CA VAL A 404 -29.98 -1.28 12.55
C VAL A 404 -29.36 -0.99 11.19
N GLU A 405 -29.69 -1.84 10.22
CA GLU A 405 -29.09 -1.79 8.88
C GLU A 405 -27.57 -1.75 8.99
N TYR A 406 -26.95 -0.74 8.38
CA TYR A 406 -25.51 -0.58 8.45
C TYR A 406 -25.13 0.48 9.48
N TYR A 407 -26.14 1.01 10.17
CA TYR A 407 -25.91 2.00 11.22
C TYR A 407 -25.40 1.35 12.50
N ASN A 408 -24.49 2.04 13.19
CA ASN A 408 -23.95 1.62 14.48
C ASN A 408 -23.71 0.11 14.62
N PRO A 409 -22.85 -0.46 13.76
CA PRO A 409 -22.62 -1.91 13.80
C PRO A 409 -21.81 -2.35 15.02
N GLY A 410 -21.08 -1.40 15.61
CA GLY A 410 -20.27 -1.70 16.78
C GLY A 410 -21.07 -1.70 18.07
N TYR A 411 -22.38 -1.50 17.94
CA TYR A 411 -23.29 -1.47 19.08
C TYR A 411 -22.84 -0.53 20.19
N TYR A 412 -22.49 0.69 19.82
CA TYR A 412 -22.08 1.70 20.78
C TYR A 412 -23.27 2.23 21.56
N LYS A 413 -23.18 2.18 22.89
CA LYS A 413 -24.24 2.72 23.74
C LYS A 413 -23.67 3.55 24.88
N ASN A 414 -23.90 4.85 24.81
CA ASN A 414 -23.54 5.78 25.88
C ASN A 414 -24.75 6.67 26.17
N PRO A 415 -25.34 6.50 27.36
CA PRO A 415 -26.55 7.22 27.76
C PRO A 415 -26.42 8.73 27.68
N MET A 416 -25.23 9.26 27.98
CA MET A 416 -25.01 10.69 27.94
C MET A 416 -24.99 11.19 26.50
N VAL A 417 -24.41 10.38 25.62
CA VAL A 417 -24.39 10.70 24.20
C VAL A 417 -25.81 10.64 23.64
N ASP A 418 -26.58 9.65 24.09
CA ASP A 418 -28.00 9.57 23.76
C ASP A 418 -28.73 10.84 24.19
N LYS A 419 -28.40 11.32 25.39
CA LYS A 419 -28.97 12.55 25.92
C LYS A 419 -28.67 13.73 25.01
N HIS A 420 -27.40 13.87 24.62
CA HIS A 420 -27.00 14.97 23.75
C HIS A 420 -27.65 14.90 22.37
N LEU A 421 -27.76 13.68 21.83
CA LEU A 421 -28.43 13.45 20.56
C LEU A 421 -29.90 13.88 20.64
N GLN A 422 -30.57 13.45 21.70
CA GLN A 422 -31.98 13.79 21.89
C GLN A 422 -32.16 15.29 22.06
N GLN A 423 -31.23 15.92 22.77
CA GLN A 423 -31.24 17.38 22.95
C GLN A 423 -31.10 18.08 21.61
N ALA A 424 -30.23 17.55 20.76
CA ALA A 424 -30.00 18.11 19.43
C ALA A 424 -31.24 17.98 18.56
N LEU A 425 -31.90 16.83 18.66
CA LEU A 425 -33.11 16.59 17.89
C LEU A 425 -34.27 17.48 18.35
N ASP A 426 -34.33 17.75 19.64
CA ASP A 426 -35.47 18.46 20.22
C ASP A 426 -35.33 19.97 20.15
N ALA A 427 -34.22 20.45 19.58
CA ALA A 427 -34.04 21.88 19.38
C ALA A 427 -34.98 22.39 18.29
N PRO A 428 -35.51 23.61 18.47
CA PRO A 428 -36.43 24.21 17.48
C PRO A 428 -35.75 24.49 16.14
N THR A 429 -34.50 24.95 16.19
CA THR A 429 -33.74 25.25 14.98
C THR A 429 -32.44 24.46 14.97
N TRP A 430 -31.87 24.28 13.78
CA TRP A 430 -30.61 23.54 13.65
C TRP A 430 -29.44 24.33 14.24
N GLN A 431 -29.53 25.65 14.18
CA GLN A 431 -28.52 26.52 14.78
C GLN A 431 -28.43 26.30 16.29
N GLN A 432 -29.58 26.07 16.93
CA GLN A 432 -29.62 25.80 18.36
C GLN A 432 -29.21 24.36 18.64
N ALA A 433 -29.39 23.50 17.65
CA ALA A 433 -29.03 22.09 17.79
C ALA A 433 -27.52 21.87 17.70
N VAL A 434 -26.84 22.75 16.98
CA VAL A 434 -25.40 22.63 16.74
C VAL A 434 -24.56 22.42 18.02
N PRO A 435 -24.78 23.23 19.08
CA PRO A 435 -23.98 22.99 20.29
C PRO A 435 -24.20 21.62 20.92
N PHE A 436 -25.39 21.06 20.75
CA PHE A 436 -25.71 19.74 21.30
C PHE A 436 -25.06 18.63 20.47
N TRP A 437 -25.04 18.81 19.15
CA TRP A 437 -24.37 17.86 18.26
C TRP A 437 -22.88 17.73 18.60
N GLN A 438 -22.27 18.84 19.00
CA GLN A 438 -20.84 18.87 19.29
C GLN A 438 -20.49 18.12 20.57
N GLN A 439 -21.43 18.04 21.50
CA GLN A 439 -21.19 17.38 22.77
C GLN A 439 -21.14 15.88 22.60
N VAL A 440 -21.67 15.39 21.48
CA VAL A 440 -21.62 13.97 21.15
C VAL A 440 -20.18 13.47 21.16
N ASP A 441 -19.28 14.27 20.61
CA ASP A 441 -17.85 13.98 20.61
C ASP A 441 -17.26 14.00 22.03
N TRP A 442 -17.42 15.13 22.70
CA TRP A 442 -16.91 15.33 24.05
C TRP A 442 -17.73 16.39 24.79
N ASP A 443 -18.22 16.05 25.98
CA ASP A 443 -18.97 17.02 26.79
C ASP A 443 -18.19 17.50 28.00
N GLY A 444 -16.93 17.08 28.10
CA GLY A 444 -16.09 17.47 29.23
C GLY A 444 -15.98 16.34 30.24
N THR A 445 -16.89 15.38 30.13
CA THR A 445 -16.93 14.22 31.02
C THR A 445 -16.81 12.93 30.23
N THR A 446 -17.71 12.72 29.27
CA THR A 446 -17.65 11.58 28.38
C THR A 446 -17.94 11.98 26.94
N GLY A 447 -17.96 11.00 26.04
CA GLY A 447 -18.22 11.28 24.64
C GLY A 447 -17.93 10.10 23.73
N ALA A 448 -18.26 10.24 22.45
CA ALA A 448 -18.03 9.16 21.49
C ALA A 448 -16.73 9.39 20.73
N GLY A 449 -16.14 10.58 20.90
CA GLY A 449 -14.92 10.93 20.19
C GLY A 449 -13.67 10.31 20.79
N ILE A 450 -12.51 10.72 20.26
CA ILE A 450 -11.23 10.16 20.68
C ILE A 450 -10.94 10.42 22.15
N ARG A 451 -11.23 11.64 22.59
CA ARG A 451 -11.12 12.00 24.00
C ARG A 451 -12.09 11.17 24.85
N GLY A 452 -13.15 10.69 24.21
CA GLY A 452 -14.13 9.84 24.86
C GLY A 452 -13.93 8.36 24.59
N ASP A 453 -15.02 7.66 24.30
CA ASP A 453 -15.00 6.23 24.07
C ASP A 453 -14.31 5.82 22.77
N ALA A 454 -14.15 6.77 21.85
CA ALA A 454 -13.53 6.52 20.55
C ALA A 454 -14.16 5.32 19.83
N ALA A 455 -15.42 5.46 19.46
CA ALA A 455 -16.15 4.38 18.81
C ALA A 455 -15.63 4.13 17.40
N TRP A 456 -14.98 5.14 16.83
CA TRP A 456 -14.48 5.06 15.46
C TRP A 456 -13.01 5.41 15.36
N ALA A 457 -12.36 4.92 14.31
CA ALA A 457 -11.11 5.52 13.86
C ALA A 457 -11.39 6.19 12.52
N TRP A 458 -11.81 7.45 12.56
CA TRP A 458 -12.16 8.16 11.34
C TRP A 458 -10.88 8.51 10.60
N LEU A 459 -10.93 8.45 9.28
CA LEU A 459 -9.72 8.57 8.48
C LEU A 459 -9.74 9.82 7.61
N LEU A 460 -10.63 9.85 6.63
CA LEU A 460 -10.52 10.90 5.62
C LEU A 460 -11.85 11.48 5.16
N ASN A 461 -11.83 12.74 4.75
CA ASN A 461 -12.90 13.29 3.92
C ASN A 461 -12.41 13.28 2.48
N ILE A 462 -13.02 12.40 1.69
CA ILE A 462 -12.65 12.19 0.30
C ILE A 462 -13.26 13.26 -0.60
N GLN A 463 -12.42 13.85 -1.45
CA GLN A 463 -12.88 14.81 -2.45
C GLN A 463 -13.18 14.06 -3.74
N HIS A 464 -14.25 14.44 -4.42
CA HIS A 464 -14.69 13.68 -5.59
C HIS A 464 -13.93 14.10 -6.84
N THR A 465 -13.54 13.12 -7.66
CA THR A 465 -12.75 13.43 -8.85
C THR A 465 -13.49 13.10 -10.15
N TYR A 466 -13.46 14.05 -11.08
CA TYR A 466 -14.13 13.86 -12.37
C TYR A 466 -13.21 14.22 -13.52
N LEU A 467 -13.53 13.73 -14.71
CA LEU A 467 -12.88 14.14 -15.94
C LEU A 467 -13.95 14.73 -16.84
N ALA A 468 -13.78 15.99 -17.22
CA ALA A 468 -14.74 16.64 -18.08
C ALA A 468 -14.06 17.17 -19.33
N ASN A 469 -14.80 17.25 -20.42
CA ASN A 469 -14.31 17.88 -21.64
C ASN A 469 -13.82 19.29 -21.34
N ASN A 470 -12.78 19.72 -22.05
CA ASN A 470 -12.22 21.07 -21.85
C ASN A 470 -13.23 22.18 -22.10
N CYS A 471 -14.28 21.88 -22.85
CA CYS A 471 -15.31 22.86 -23.16
C CYS A 471 -16.45 22.86 -22.14
N VAL A 472 -16.32 22.02 -21.12
CA VAL A 472 -17.36 21.87 -20.11
C VAL A 472 -16.94 22.48 -18.77
N ASP A 473 -17.79 23.37 -18.25
CA ASP A 473 -17.59 23.97 -16.93
C ASP A 473 -18.61 23.37 -15.97
N LEU A 474 -18.14 22.75 -14.90
CA LEU A 474 -19.02 22.08 -13.95
C LEU A 474 -19.44 23.01 -12.82
N GLY A 475 -18.96 24.24 -12.87
CA GLY A 475 -19.37 25.27 -11.93
C GLY A 475 -19.08 24.95 -10.47
N LYS A 476 -20.06 25.22 -9.62
CA LYS A 476 -19.90 25.02 -8.18
C LYS A 476 -21.22 24.59 -7.54
N GLY A 477 -21.13 24.11 -6.31
CA GLY A 477 -22.30 23.71 -5.54
C GLY A 477 -21.90 23.48 -4.10
N THR A 478 -22.82 22.93 -3.30
CA THR A 478 -22.51 22.55 -1.93
C THR A 478 -21.50 21.40 -1.94
N PRO A 479 -20.83 21.14 -0.80
CA PRO A 479 -19.95 19.98 -0.75
C PRO A 479 -20.70 18.69 -1.05
N GLU A 480 -20.17 17.90 -1.98
CA GLU A 480 -20.81 16.65 -2.37
C GLU A 480 -20.80 15.65 -1.22
N ILE A 481 -21.74 14.70 -1.25
CA ILE A 481 -21.89 13.76 -0.15
C ILE A 481 -21.66 12.31 -0.57
N HIS A 482 -21.69 11.41 0.40
CA HIS A 482 -21.64 9.98 0.12
C HIS A 482 -22.88 9.57 -0.65
N GLY A 483 -22.70 8.72 -1.65
CA GLY A 483 -23.79 8.30 -2.49
C GLY A 483 -23.41 8.55 -3.94
N SER A 484 -24.34 8.33 -4.86
CA SER A 484 -24.03 8.54 -6.26
C SER A 484 -24.75 9.78 -6.79
N TRP A 485 -24.28 10.29 -7.92
CA TRP A 485 -24.92 11.41 -8.61
C TRP A 485 -24.90 12.70 -7.78
N SER A 486 -23.89 12.85 -6.93
CA SER A 486 -23.76 14.05 -6.09
C SER A 486 -23.43 15.28 -6.92
N LEU A 487 -22.73 15.08 -8.03
CA LEU A 487 -22.34 16.16 -8.93
C LEU A 487 -23.56 16.94 -9.41
N LEU A 488 -24.70 16.26 -9.46
CA LEU A 488 -25.95 16.87 -9.90
C LEU A 488 -26.34 18.09 -9.07
N ASN A 489 -25.83 18.17 -7.84
CA ASN A 489 -26.14 19.31 -6.99
C ASN A 489 -25.67 20.64 -7.60
N SER A 490 -24.80 20.56 -8.60
CA SER A 490 -24.30 21.74 -9.27
C SER A 490 -24.86 21.93 -10.69
N ILE A 491 -25.83 21.10 -11.07
CA ILE A 491 -26.23 20.96 -12.47
C ILE A 491 -26.71 22.26 -13.14
N ASP A 492 -27.29 23.17 -12.38
CA ASP A 492 -27.77 24.44 -12.93
C ASP A 492 -26.63 25.37 -13.34
N SER A 493 -25.45 25.17 -12.76
CA SER A 493 -24.32 26.05 -13.02
C SER A 493 -23.45 25.58 -14.18
N TRP A 494 -23.79 24.42 -14.75
CA TRP A 494 -23.00 23.84 -15.83
C TRP A 494 -22.99 24.72 -17.07
N LYS A 495 -21.82 24.89 -17.67
CA LYS A 495 -21.66 25.76 -18.83
C LYS A 495 -20.86 25.11 -19.95
N TRP A 496 -21.05 25.63 -21.16
CA TRP A 496 -20.24 25.23 -22.31
C TRP A 496 -19.41 26.43 -22.74
N THR A 497 -18.09 26.29 -22.65
CA THR A 497 -17.19 27.43 -22.82
C THR A 497 -16.56 27.52 -24.20
N CYS A 498 -16.94 26.60 -25.09
CA CYS A 498 -16.38 26.59 -26.43
C CYS A 498 -17.46 26.85 -27.48
N HIS B 3 34.06 -7.47 26.78
CA HIS B 3 32.61 -7.34 26.91
C HIS B 3 31.87 -8.47 26.21
N THR B 4 30.68 -8.77 26.72
CA THR B 4 29.82 -9.79 26.11
C THR B 4 28.62 -9.12 25.44
N LEU B 5 28.30 -9.55 24.22
CA LEU B 5 27.18 -8.94 23.49
C LEU B 5 26.22 -9.96 22.90
N GLN B 6 24.92 -9.67 22.98
CA GLN B 6 23.88 -10.50 22.39
C GLN B 6 23.20 -9.84 21.20
N LEU B 7 23.20 -10.54 20.07
CA LEU B 7 22.68 -10.03 18.80
C LEU B 7 21.68 -10.95 18.13
N ALA B 8 20.65 -10.36 17.54
CA ALA B 8 19.80 -11.06 16.58
C ALA B 8 19.78 -10.29 15.27
N ILE B 9 20.66 -10.64 14.35
CA ILE B 9 20.81 -9.88 13.12
C ILE B 9 20.42 -10.65 11.86
N GLY B 10 19.98 -11.89 12.01
CA GLY B 10 19.52 -12.64 10.85
C GLY B 10 19.28 -14.13 11.03
N ASP B 11 19.09 -14.81 9.90
CA ASP B 11 18.75 -16.23 9.88
C ASP B 11 19.87 -17.12 10.41
N GLU B 12 19.49 -18.26 10.96
CA GLU B 12 20.43 -19.22 11.54
C GLU B 12 21.01 -20.14 10.47
N PRO B 13 22.30 -20.48 10.59
CA PRO B 13 22.96 -21.39 9.63
C PRO B 13 22.39 -22.81 9.74
N THR B 14 21.94 -23.35 8.62
CA THR B 14 21.35 -24.69 8.61
C THR B 14 22.18 -25.68 7.79
N GLU B 15 23.31 -25.23 7.27
CA GLU B 15 24.17 -26.13 6.49
C GLU B 15 25.62 -26.11 6.95
N GLY B 16 25.86 -25.85 8.24
CA GLY B 16 27.19 -26.10 8.76
C GLY B 16 28.10 -24.92 8.54
N PHE B 17 29.26 -24.95 9.17
CA PHE B 17 30.24 -23.89 8.99
C PHE B 17 31.40 -24.42 8.16
N ASP B 18 31.05 -24.90 6.96
CA ASP B 18 32.02 -25.51 6.05
C ASP B 18 32.14 -24.71 4.76
N PRO B 19 33.30 -24.06 4.56
CA PRO B 19 33.62 -23.30 3.34
C PRO B 19 33.53 -24.13 2.07
N MET B 20 33.78 -25.43 2.17
CA MET B 20 33.72 -26.31 1.00
C MET B 20 32.33 -26.43 0.41
N LEU B 21 31.31 -26.51 1.26
CA LEU B 21 29.95 -26.69 0.80
C LEU B 21 29.00 -25.51 1.06
N GLY B 22 29.32 -24.67 2.04
CA GLY B 22 28.39 -23.62 2.42
C GLY B 22 28.96 -22.31 2.94
N TRP B 23 29.72 -21.62 2.10
CA TRP B 23 30.23 -20.31 2.47
C TRP B 23 29.28 -19.22 1.97
N SER B 24 28.08 -19.67 1.59
CA SER B 24 27.03 -18.82 1.03
C SER B 24 26.37 -17.95 2.09
N HIS B 25 26.22 -18.52 3.29
CA HIS B 25 25.40 -17.95 4.35
C HIS B 25 25.81 -16.56 4.80
N GLY B 26 27.08 -16.38 5.15
CA GLY B 26 27.56 -15.09 5.61
C GLY B 26 27.82 -15.01 7.11
N SER B 27 27.56 -16.09 7.84
CA SER B 27 28.01 -16.17 9.22
C SER B 27 29.43 -16.74 9.25
N TYR B 28 29.95 -17.08 8.08
CA TYR B 28 31.31 -17.57 7.95
C TYR B 28 32.30 -16.45 8.30
N LEU B 29 31.86 -15.21 8.13
CA LEU B 29 32.65 -14.04 8.49
C LEU B 29 33.07 -14.07 9.96
N LEU B 30 32.29 -14.78 10.78
CA LEU B 30 32.59 -14.93 12.19
C LEU B 30 33.75 -15.90 12.44
N LEU B 31 33.68 -17.06 11.81
CA LEU B 31 34.60 -18.15 12.11
C LEU B 31 35.74 -18.31 11.12
N HIS B 32 35.59 -17.68 9.95
CA HIS B 32 36.54 -17.90 8.87
C HIS B 32 37.17 -16.61 8.33
N SER B 33 38.14 -16.77 7.44
CA SER B 33 38.75 -15.64 6.76
C SER B 33 39.32 -16.10 5.43
N PRO B 34 38.93 -15.42 4.34
CA PRO B 34 39.52 -15.69 3.03
C PRO B 34 40.87 -15.00 2.92
N LEU B 35 41.59 -15.25 1.82
CA LEU B 35 42.88 -14.62 1.61
C LEU B 35 42.75 -13.10 1.45
N LEU B 36 41.68 -12.65 0.83
CA LEU B 36 41.50 -11.23 0.56
C LEU B 36 40.24 -10.65 1.21
N LYS B 37 40.31 -9.36 1.56
CA LYS B 37 39.15 -8.62 2.02
C LYS B 37 38.96 -7.36 1.14
N GLN B 38 37.72 -7.11 0.74
CA GLN B 38 37.43 -6.02 -0.19
C GLN B 38 37.42 -4.66 0.52
N ASN B 39 37.93 -3.65 -0.17
CA ASN B 39 37.99 -2.29 0.37
C ASN B 39 36.85 -1.41 -0.14
N GLU B 40 36.77 -0.19 0.37
CA GLU B 40 35.70 0.74 0.01
C GLU B 40 35.86 1.23 -1.43
N ASP B 41 37.10 1.19 -1.93
CA ASP B 41 37.36 1.54 -3.32
C ASP B 41 37.29 0.29 -4.20
N PHE B 42 36.73 -0.77 -3.64
CA PHE B 42 36.51 -2.04 -4.33
C PHE B 42 37.83 -2.68 -4.76
N SER B 43 38.93 -2.19 -4.21
CA SER B 43 40.22 -2.85 -4.34
C SER B 43 40.31 -3.96 -3.30
N TRP B 44 41.43 -4.66 -3.26
CA TRP B 44 41.55 -5.77 -2.33
C TRP B 44 42.78 -5.66 -1.43
N ASP B 45 42.54 -5.77 -0.13
CA ASP B 45 43.63 -5.92 0.83
C ASP B 45 43.67 -7.36 1.28
N SER B 46 44.59 -7.70 2.17
CA SER B 46 44.68 -9.07 2.65
C SER B 46 45.04 -9.13 4.12
N LEU B 47 44.38 -10.04 4.83
CA LEU B 47 44.70 -10.32 6.21
C LEU B 47 45.79 -11.39 6.31
N LEU B 48 45.72 -12.37 5.42
CA LEU B 48 46.57 -13.55 5.50
C LEU B 48 47.75 -13.52 4.53
N LEU B 49 47.75 -12.57 3.60
CA LEU B 49 48.81 -12.54 2.59
C LEU B 49 49.62 -11.27 2.64
N SER B 50 50.93 -11.44 2.57
CA SER B 50 51.87 -10.33 2.40
C SER B 50 51.86 -9.91 0.93
N GLN B 51 51.69 -10.87 0.05
CA GLN B 51 51.80 -10.64 -1.38
C GLN B 51 50.78 -11.47 -2.16
N TYR B 52 50.16 -10.85 -3.15
CA TYR B 52 49.27 -11.54 -4.08
C TYR B 52 49.38 -10.88 -5.45
N GLN B 53 50.02 -11.57 -6.38
CA GLN B 53 50.31 -10.99 -7.69
C GLN B 53 49.72 -11.85 -8.80
N PRO B 54 48.82 -11.27 -9.61
CA PRO B 54 48.31 -11.98 -10.77
C PRO B 54 49.26 -11.87 -11.95
N SER B 55 49.29 -12.90 -12.80
CA SER B 55 50.17 -12.88 -13.96
C SER B 55 49.58 -11.99 -15.06
N ASP B 56 50.38 -11.69 -16.07
CA ASP B 56 49.93 -10.84 -17.16
C ASP B 56 48.84 -11.50 -18.00
N ASP B 57 48.97 -12.81 -18.19
CA ASP B 57 47.97 -13.58 -18.93
C ASP B 57 46.68 -13.70 -18.15
N GLY B 58 46.78 -13.59 -16.82
CA GLY B 58 45.62 -13.71 -15.94
C GLY B 58 45.30 -15.16 -15.62
N LYS B 59 46.12 -16.09 -16.10
CA LYS B 59 45.87 -17.51 -15.90
C LYS B 59 46.50 -18.05 -14.62
N THR B 60 47.44 -17.31 -14.04
CA THR B 60 48.09 -17.79 -12.80
C THR B 60 48.22 -16.71 -11.73
N TRP B 61 48.15 -17.15 -10.47
CA TRP B 61 48.31 -16.27 -9.32
C TRP B 61 49.46 -16.73 -8.41
N LEU B 62 50.26 -15.78 -7.94
CA LEU B 62 51.26 -16.10 -6.93
C LEU B 62 50.89 -15.43 -5.61
N LEU B 63 50.67 -16.25 -4.58
CA LEU B 63 50.23 -15.74 -3.29
C LEU B 63 51.24 -16.05 -2.20
N THR B 64 51.77 -15.01 -1.57
CA THR B 64 52.70 -15.20 -0.47
C THR B 64 52.02 -14.96 0.87
N LEU B 65 52.01 -15.97 1.73
CA LEU B 65 51.38 -15.88 3.04
C LEU B 65 52.24 -15.13 4.06
N LYS B 66 51.61 -14.47 5.02
CA LYS B 66 52.32 -13.89 6.14
C LYS B 66 52.90 -14.97 7.02
N PRO B 67 54.02 -14.67 7.70
CA PRO B 67 54.63 -15.65 8.60
C PRO B 67 53.85 -15.82 9.89
N ASP B 68 54.00 -16.98 10.50
CA ASP B 68 53.43 -17.28 11.82
C ASP B 68 51.91 -17.12 11.88
N LEU B 69 51.23 -17.58 10.82
CA LEU B 69 49.77 -17.58 10.83
C LEU B 69 49.27 -18.89 11.42
N LYS B 70 48.18 -18.81 12.19
CA LYS B 70 47.61 -19.99 12.82
C LYS B 70 46.09 -19.99 12.73
N PHE B 71 45.49 -21.17 12.93
CA PHE B 71 44.05 -21.30 12.99
C PHE B 71 43.56 -21.04 14.42
N SER B 72 42.25 -21.19 14.63
CA SER B 72 41.64 -20.90 15.93
C SER B 72 42.10 -21.87 17.04
N ASP B 73 42.57 -23.05 16.65
CA ASP B 73 43.01 -24.04 17.65
C ASP B 73 44.50 -23.91 17.97
N GLY B 74 45.21 -23.09 17.21
CA GLY B 74 46.63 -22.90 17.42
C GLY B 74 47.50 -23.65 16.44
N SER B 75 46.86 -24.38 15.52
CA SER B 75 47.58 -25.11 14.49
C SER B 75 48.13 -24.14 13.45
N PRO B 76 49.35 -24.42 12.94
CA PRO B 76 49.99 -23.50 11.99
C PRO B 76 49.21 -23.39 10.68
N LEU B 77 49.12 -22.16 10.16
CA LEU B 77 48.47 -21.91 8.88
C LEU B 77 49.50 -21.54 7.83
N THR B 78 49.71 -22.43 6.86
CA THR B 78 50.69 -22.21 5.80
C THR B 78 50.12 -22.60 4.44
N ALA B 79 50.98 -22.61 3.42
CA ALA B 79 50.56 -22.87 2.05
C ALA B 79 49.81 -24.19 1.88
N LYS B 80 50.15 -25.17 2.72
CA LYS B 80 49.50 -26.47 2.69
C LYS B 80 48.00 -26.34 2.88
N ASP B 81 47.58 -25.43 3.75
CA ASP B 81 46.18 -25.26 4.09
C ASP B 81 45.40 -24.53 3.00
N VAL B 82 46.05 -23.54 2.38
CA VAL B 82 45.44 -22.82 1.26
C VAL B 82 45.26 -23.74 0.06
N ALA B 83 46.34 -24.44 -0.30
CA ALA B 83 46.31 -25.38 -1.41
C ALA B 83 45.24 -26.45 -1.17
N PHE B 84 45.24 -27.02 0.03
CA PHE B 84 44.23 -27.98 0.43
C PHE B 84 42.83 -27.42 0.22
N THR B 85 42.61 -26.20 0.72
CA THR B 85 41.33 -25.53 0.61
C THR B 85 40.85 -25.46 -0.84
N TYR B 86 41.65 -24.85 -1.70
CA TYR B 86 41.25 -24.64 -3.08
C TYR B 86 41.08 -25.95 -3.86
N ASN B 87 42.04 -26.85 -3.72
CA ASN B 87 41.97 -28.13 -4.43
C ASN B 87 40.76 -28.97 -4.01
N ASN B 88 40.47 -28.99 -2.71
CA ASN B 88 39.31 -29.73 -2.22
C ASN B 88 38.00 -29.09 -2.65
N ALA B 89 37.94 -27.76 -2.58
CA ALA B 89 36.73 -27.03 -2.96
C ALA B 89 36.43 -27.13 -4.45
N ALA B 90 37.46 -27.31 -5.27
CA ALA B 90 37.28 -27.33 -6.73
C ALA B 90 36.42 -28.48 -7.28
N ALA B 91 36.75 -29.71 -6.89
CA ALA B 91 36.13 -30.89 -7.50
C ALA B 91 34.84 -31.37 -6.81
N SER B 92 34.60 -30.93 -5.59
CA SER B 92 33.53 -31.49 -4.75
C SER B 92 32.13 -31.34 -5.34
N GLY B 93 31.88 -30.27 -6.08
CA GLY B 93 30.60 -30.10 -6.74
C GLY B 93 29.49 -29.62 -5.82
N GLY B 94 29.79 -29.45 -4.53
CA GLY B 94 28.82 -28.92 -3.60
C GLY B 94 28.83 -27.40 -3.71
N LYS B 95 28.16 -26.92 -4.76
CA LYS B 95 28.19 -25.51 -5.15
C LYS B 95 29.64 -25.05 -5.32
N VAL B 96 29.97 -23.91 -4.72
CA VAL B 96 31.29 -23.29 -4.79
C VAL B 96 31.84 -23.20 -6.23
N ASP B 97 31.48 -22.12 -6.91
CA ASP B 97 32.00 -21.83 -8.24
C ASP B 97 33.49 -21.48 -8.17
N MET B 98 34.32 -22.34 -8.74
CA MET B 98 35.76 -22.09 -8.75
C MET B 98 36.18 -21.56 -10.12
N GLY B 99 35.21 -21.50 -11.03
CA GLY B 99 35.43 -21.01 -12.38
C GLY B 99 36.45 -21.80 -13.17
N ASN B 100 37.46 -21.10 -13.68
CA ASN B 100 38.45 -21.72 -14.55
C ASN B 100 39.58 -22.36 -13.76
N PHE B 101 39.39 -22.48 -12.45
CA PHE B 101 40.40 -23.04 -11.56
C PHE B 101 40.78 -24.46 -11.98
N LEU B 102 42.08 -24.69 -12.13
CA LEU B 102 42.60 -26.02 -12.39
C LEU B 102 43.22 -26.57 -11.12
N SER B 103 44.25 -25.90 -10.61
CA SER B 103 44.96 -26.49 -9.48
C SER B 103 45.61 -25.45 -8.55
N ALA B 104 45.93 -25.90 -7.34
CA ALA B 104 46.68 -25.11 -6.38
C ALA B 104 47.94 -25.87 -5.98
N GLU B 105 49.09 -25.27 -6.29
CA GLU B 105 50.38 -25.90 -6.07
C GLU B 105 51.17 -25.23 -4.95
N VAL B 106 51.83 -26.04 -4.12
CA VAL B 106 52.64 -25.50 -3.04
C VAL B 106 54.08 -25.31 -3.50
N ILE B 107 54.47 -24.05 -3.70
CA ILE B 107 55.85 -23.71 -4.05
C ILE B 107 56.72 -23.73 -2.80
N ASP B 108 56.30 -22.96 -1.81
CA ASP B 108 57.03 -22.78 -0.56
C ASP B 108 56.00 -22.84 0.56
N PRO B 109 56.44 -23.10 1.80
CA PRO B 109 55.49 -23.07 2.92
C PRO B 109 54.69 -21.76 3.03
N LEU B 110 55.25 -20.68 2.50
CA LEU B 110 54.58 -19.39 2.53
C LEU B 110 54.07 -18.95 1.15
N ASN B 111 54.25 -19.80 0.15
CA ASN B 111 53.88 -19.43 -1.23
C ASN B 111 53.02 -20.47 -1.94
N VAL B 112 51.89 -20.01 -2.49
CA VAL B 112 50.99 -20.84 -3.26
C VAL B 112 50.91 -20.34 -4.70
N ARG B 113 50.92 -21.27 -5.65
CA ARG B 113 50.78 -20.95 -7.06
C ARG B 113 49.45 -21.48 -7.57
N ILE B 114 48.57 -20.60 -8.01
CA ILE B 114 47.27 -21.02 -8.51
C ILE B 114 47.23 -21.03 -10.02
N HIS B 115 46.82 -22.16 -10.59
CA HIS B 115 46.72 -22.32 -12.03
C HIS B 115 45.26 -22.41 -12.47
N LEU B 116 44.92 -21.60 -13.47
CA LEU B 116 43.57 -21.48 -14.01
C LEU B 116 43.54 -21.92 -15.47
N LYS B 117 42.40 -22.45 -15.90
CA LYS B 117 42.20 -22.84 -17.30
C LYS B 117 42.32 -21.62 -18.23
N ALA B 118 41.57 -20.58 -17.91
CA ALA B 118 41.53 -19.38 -18.73
C ALA B 118 41.52 -18.14 -17.84
N PRO B 119 41.84 -16.96 -18.40
CA PRO B 119 41.74 -15.73 -17.61
C PRO B 119 40.33 -15.54 -17.05
N GLN B 120 40.23 -15.17 -15.77
CA GLN B 120 38.94 -14.93 -15.13
C GLN B 120 39.02 -13.71 -14.22
N SER B 121 38.34 -12.65 -14.61
CA SER B 121 38.43 -11.38 -13.89
C SER B 121 37.75 -11.44 -12.54
N THR B 122 36.94 -12.47 -12.33
CA THR B 122 36.18 -12.61 -11.11
C THR B 122 36.79 -13.62 -10.13
N PHE B 123 37.94 -14.17 -10.47
CA PHE B 123 38.60 -15.13 -9.58
C PHE B 123 39.10 -14.42 -8.32
N VAL B 124 39.33 -13.12 -8.43
CA VAL B 124 39.72 -12.32 -7.28
C VAL B 124 38.62 -12.36 -6.22
N ASN B 125 37.38 -12.57 -6.67
CA ASN B 125 36.24 -12.72 -5.75
C ASN B 125 36.27 -14.07 -5.06
N VAL B 126 36.75 -15.08 -5.76
CA VAL B 126 36.96 -16.39 -5.15
C VAL B 126 38.03 -16.26 -4.07
N LEU B 127 39.11 -15.56 -4.41
CA LEU B 127 40.19 -15.30 -3.46
C LEU B 127 39.70 -14.50 -2.24
N GLY B 128 38.68 -13.70 -2.45
CA GLY B 128 38.15 -12.84 -1.39
C GLY B 128 36.91 -13.36 -0.69
N SER B 129 36.50 -14.58 -1.01
CA SER B 129 35.28 -15.15 -0.42
C SER B 129 35.54 -16.51 0.23
N LEU B 130 36.17 -17.41 -0.51
CA LEU B 130 36.44 -18.76 -0.01
C LEU B 130 37.32 -18.75 1.23
N GLY B 131 36.81 -19.32 2.33
CA GLY B 131 37.53 -19.35 3.59
C GLY B 131 38.58 -20.45 3.63
N ILE B 132 39.65 -20.21 4.38
CA ILE B 132 40.75 -21.15 4.47
C ILE B 132 40.55 -22.16 5.60
N VAL B 133 40.65 -23.44 5.27
CA VAL B 133 40.47 -24.51 6.25
C VAL B 133 41.79 -25.25 6.52
N SER B 134 41.85 -25.97 7.63
CA SER B 134 43.04 -26.73 7.99
C SER B 134 43.11 -28.06 7.27
N ALA B 135 44.22 -28.30 6.58
CA ALA B 135 44.43 -29.51 5.79
C ALA B 135 44.32 -30.76 6.65
N ASP B 136 44.89 -30.70 7.85
CA ASP B 136 44.90 -31.83 8.76
C ASP B 136 43.51 -32.15 9.32
N LYS B 137 42.89 -31.16 9.95
CA LYS B 137 41.65 -31.37 10.69
C LYS B 137 40.36 -31.36 9.89
N TYR B 138 40.40 -30.91 8.63
CA TYR B 138 39.15 -30.84 7.88
C TYR B 138 38.60 -32.23 7.59
N ASN B 139 37.32 -32.40 7.87
CA ASN B 139 36.59 -33.59 7.46
C ASN B 139 35.19 -33.15 7.07
N ALA B 140 34.67 -33.69 5.96
CA ALA B 140 33.38 -33.25 5.45
C ALA B 140 32.24 -33.62 6.41
N LYS B 141 32.48 -34.63 7.23
CA LYS B 141 31.46 -35.13 8.15
C LYS B 141 31.41 -34.34 9.46
N THR B 142 32.57 -34.11 10.07
CA THR B 142 32.65 -33.54 11.42
C THR B 142 32.90 -32.03 11.50
N TYR B 143 33.29 -31.41 10.38
CA TYR B 143 33.68 -30.00 10.39
C TYR B 143 32.51 -29.05 10.56
N ALA B 144 31.40 -29.36 9.90
CA ALA B 144 30.22 -28.50 9.93
C ALA B 144 29.72 -28.26 11.35
N GLN B 145 29.87 -29.27 12.20
CA GLN B 145 29.44 -29.19 13.59
C GLN B 145 30.47 -28.45 14.45
N LYS B 146 31.74 -28.83 14.33
CA LYS B 146 32.80 -28.21 15.12
C LYS B 146 33.96 -27.80 14.21
N PRO B 147 33.88 -26.59 13.64
CA PRO B 147 34.84 -26.10 12.65
C PRO B 147 36.09 -25.46 13.25
N ILE B 148 37.11 -25.26 12.42
CA ILE B 148 38.31 -24.54 12.78
C ILE B 148 38.62 -23.54 11.67
N GLY B 149 38.94 -22.30 12.02
CA GLY B 149 39.15 -21.28 11.00
C GLY B 149 40.06 -20.13 11.37
N ALA B 150 40.23 -19.20 10.44
CA ALA B 150 41.09 -18.03 10.65
C ALA B 150 40.27 -16.80 11.02
N GLY B 151 39.00 -16.99 11.31
CA GLY B 151 38.10 -15.90 11.64
C GLY B 151 38.47 -15.17 12.92
N PRO B 152 37.81 -14.02 13.17
CA PRO B 152 37.98 -13.25 14.40
C PRO B 152 37.39 -13.96 15.61
N TYR B 153 36.54 -14.96 15.38
CA TYR B 153 35.89 -15.68 16.46
C TYR B 153 35.89 -17.19 16.22
N ARG B 154 35.75 -17.95 17.30
CA ARG B 154 35.62 -19.41 17.21
C ARG B 154 34.36 -19.89 17.92
N LEU B 155 33.76 -20.95 17.39
CA LEU B 155 32.51 -21.47 17.93
C LEU B 155 32.67 -22.05 19.34
N VAL B 156 31.73 -21.73 20.21
CA VAL B 156 31.71 -22.29 21.56
C VAL B 156 30.50 -23.19 21.75
N SER B 157 29.31 -22.64 21.54
CA SER B 157 28.08 -23.42 21.67
C SER B 157 27.19 -23.23 20.45
N PHE B 158 26.33 -24.22 20.19
CA PHE B 158 25.35 -24.08 19.13
C PHE B 158 24.06 -24.82 19.51
N GLN B 159 23.00 -24.05 19.70
CA GLN B 159 21.69 -24.61 20.00
C GLN B 159 20.73 -24.31 18.85
N PRO B 160 20.39 -25.34 18.07
CA PRO B 160 19.54 -25.16 16.89
C PRO B 160 18.19 -24.55 17.24
N GLY B 161 17.85 -23.45 16.58
CA GLY B 161 16.60 -22.74 16.82
C GLY B 161 16.66 -21.77 17.98
N GLN B 162 17.69 -21.87 18.80
CA GLN B 162 17.81 -21.03 19.99
C GLN B 162 19.00 -20.06 19.95
N GLN B 163 20.21 -20.60 20.05
CA GLN B 163 21.39 -19.75 20.21
C GLN B 163 22.63 -20.21 19.46
N MET B 164 23.63 -19.32 19.48
CA MET B 164 24.98 -19.63 19.01
C MET B 164 25.96 -18.82 19.85
N ILE B 165 26.91 -19.47 20.50
CA ILE B 165 27.87 -18.73 21.31
C ILE B 165 29.27 -18.86 20.71
N VAL B 166 29.92 -17.71 20.52
CA VAL B 166 31.27 -17.68 19.97
C VAL B 166 32.16 -16.79 20.83
N GLU B 167 33.47 -17.05 20.78
CA GLU B 167 34.44 -16.30 21.56
C GLU B 167 35.56 -15.80 20.66
N ALA B 168 36.24 -14.74 21.09
CA ALA B 168 37.32 -14.13 20.32
C ALA B 168 38.46 -15.10 20.05
N ASN B 169 38.88 -15.16 18.79
CA ASN B 169 40.03 -15.97 18.39
C ASN B 169 41.34 -15.30 18.79
N PRO B 170 42.10 -15.93 19.69
CA PRO B 170 43.39 -15.40 20.15
C PRO B 170 44.46 -15.43 19.05
N TYR B 171 44.27 -16.31 18.07
CA TYR B 171 45.27 -16.50 17.02
C TYR B 171 44.92 -15.68 15.78
N TYR B 172 43.90 -14.83 15.90
CA TYR B 172 43.47 -13.95 14.81
C TYR B 172 44.58 -13.04 14.32
N ALA B 173 44.72 -12.95 13.00
CA ALA B 173 45.77 -12.14 12.40
C ALA B 173 45.35 -10.67 12.33
N GLY B 174 44.06 -10.41 12.52
CA GLY B 174 43.53 -9.07 12.43
C GLY B 174 43.30 -8.39 13.77
N ASN B 175 42.62 -7.24 13.73
CA ASN B 175 42.38 -6.44 14.91
C ASN B 175 41.27 -7.00 15.80
N LYS B 176 41.38 -6.73 17.10
CA LYS B 176 40.38 -7.19 18.06
C LYS B 176 39.44 -6.06 18.43
N ASN B 177 38.16 -6.38 18.61
CA ASN B 177 37.20 -5.37 19.05
C ASN B 177 37.04 -5.42 20.57
N ASP B 178 36.04 -4.72 21.09
CA ASP B 178 35.83 -4.66 22.53
C ASP B 178 34.94 -5.80 23.03
N PHE B 179 34.62 -6.73 22.15
CA PHE B 179 33.71 -7.82 22.51
C PHE B 179 34.37 -9.18 22.32
N ASP B 180 34.75 -9.83 23.42
CA ASP B 180 35.41 -11.12 23.37
C ASP B 180 34.40 -12.27 23.30
N LYS B 181 33.17 -12.01 23.70
CA LYS B 181 32.12 -13.03 23.62
C LYS B 181 30.85 -12.52 22.93
N LEU B 182 30.38 -13.29 21.96
CA LEU B 182 29.17 -12.94 21.22
C LEU B 182 28.15 -14.07 21.21
N ILE B 183 26.91 -13.74 21.58
CA ILE B 183 25.82 -14.70 21.53
C ILE B 183 24.81 -14.25 20.47
N PHE B 184 24.58 -15.09 19.48
CA PHE B 184 23.63 -14.78 18.43
C PHE B 184 22.38 -15.61 18.65
N VAL B 185 21.26 -14.93 18.91
CA VAL B 185 20.00 -15.62 19.15
C VAL B 185 19.21 -15.66 17.86
N PHE B 186 18.52 -16.77 17.63
CA PHE B 186 17.81 -16.97 16.37
C PHE B 186 16.32 -16.68 16.53
N LEU B 187 15.91 -15.52 16.01
CA LEU B 187 14.54 -15.07 16.16
C LEU B 187 14.06 -14.47 14.83
N ASP B 188 12.75 -14.46 14.62
CA ASP B 188 12.17 -13.73 13.49
C ASP B 188 12.22 -12.24 13.80
N GLU B 189 11.91 -11.43 12.80
CA GLU B 189 12.04 -9.98 12.92
C GLU B 189 11.19 -9.39 14.05
N ASP B 190 9.97 -9.88 14.22
CA ASP B 190 9.08 -9.36 15.25
C ASP B 190 9.53 -9.77 16.65
N SER B 191 9.90 -11.04 16.81
CA SER B 191 10.43 -11.53 18.08
C SER B 191 11.71 -10.78 18.41
N ALA B 192 12.49 -10.50 17.37
CA ALA B 192 13.74 -9.77 17.51
C ALA B 192 13.49 -8.36 18.02
N PHE B 193 12.49 -7.69 17.44
CA PHE B 193 12.12 -6.35 17.89
C PHE B 193 11.63 -6.36 19.33
N ALA B 194 10.85 -7.38 19.68
CA ALA B 194 10.34 -7.51 21.04
C ALA B 194 11.48 -7.69 22.04
N ALA B 195 12.47 -8.50 21.67
CA ALA B 195 13.60 -8.76 22.55
C ALA B 195 14.50 -7.52 22.62
N ALA B 196 14.43 -6.71 21.56
CA ALA B 196 15.17 -5.45 21.55
C ALA B 196 14.54 -4.45 22.50
N GLN B 197 13.21 -4.42 22.51
CA GLN B 197 12.46 -3.48 23.34
C GLN B 197 12.50 -3.91 24.81
N SER B 198 12.61 -5.22 25.03
CA SER B 198 12.67 -5.74 26.39
C SER B 198 14.05 -5.52 27.03
N GLY B 199 15.04 -5.20 26.20
CA GLY B 199 16.39 -4.98 26.68
C GLY B 199 17.18 -6.27 26.72
N GLN B 200 16.62 -7.31 26.11
CA GLN B 200 17.24 -8.63 26.06
C GLN B 200 18.44 -8.64 25.11
N LEU B 201 18.39 -7.78 24.10
CA LEU B 201 19.44 -7.76 23.08
C LEU B 201 20.13 -6.41 22.97
N GLY B 202 21.42 -6.44 22.64
CA GLY B 202 22.18 -5.22 22.47
C GLY B 202 22.20 -4.75 21.04
N VAL B 203 22.10 -5.69 20.11
CA VAL B 203 22.05 -5.37 18.68
C VAL B 203 21.00 -6.23 17.97
N VAL B 204 20.12 -5.59 17.20
CA VAL B 204 19.08 -6.30 16.48
C VAL B 204 18.91 -5.75 15.06
N ARG B 205 18.68 -6.62 14.09
CA ARG B 205 18.38 -6.15 12.75
C ARG B 205 16.88 -5.96 12.59
N ILE B 206 16.49 -4.80 12.06
CA ILE B 206 15.08 -4.49 11.86
C ILE B 206 14.85 -4.09 10.41
N PRO B 207 13.65 -4.37 9.89
CA PRO B 207 13.31 -3.89 8.54
C PRO B 207 13.22 -2.38 8.50
N PRO B 208 13.65 -1.76 7.39
CA PRO B 208 13.57 -0.30 7.25
C PRO B 208 12.14 0.19 7.46
N SER B 209 11.18 -0.65 7.07
CA SER B 209 9.77 -0.39 7.31
C SER B 209 9.45 -0.25 8.80
N MET B 210 10.22 -0.95 9.62
CA MET B 210 10.00 -0.98 11.07
C MET B 210 10.85 0.05 11.82
N ALA B 211 11.67 0.80 11.09
CA ALA B 211 12.54 1.78 11.72
C ALA B 211 11.78 3.07 12.03
N VAL B 212 10.99 3.04 13.10
CA VAL B 212 10.07 4.12 13.44
C VAL B 212 9.87 4.16 14.96
N GLY B 213 9.70 5.36 15.50
CA GLY B 213 9.49 5.54 16.92
C GLY B 213 10.77 5.41 17.73
N SER B 214 10.64 5.50 19.06
CA SER B 214 11.81 5.52 19.91
C SER B 214 11.86 4.33 20.85
N VAL B 215 12.99 3.63 20.84
CA VAL B 215 13.23 2.52 21.74
C VAL B 215 14.19 2.96 22.86
N ASN B 216 13.86 2.61 24.10
CA ASN B 216 14.68 2.97 25.24
C ASN B 216 16.08 2.36 25.19
N ASN B 217 17.09 3.18 25.49
CA ASN B 217 18.48 2.74 25.56
C ASN B 217 19.00 2.15 24.26
N MET B 218 18.36 2.51 23.14
CA MET B 218 18.78 1.98 21.84
C MET B 218 18.81 3.07 20.78
N LYS B 219 19.52 2.77 19.70
CA LYS B 219 19.83 3.73 18.64
C LYS B 219 19.68 3.09 17.26
N LEU B 220 19.13 3.85 16.33
CA LEU B 220 18.97 3.37 14.97
C LEU B 220 20.29 3.54 14.21
N TRP B 221 20.65 2.51 13.45
CA TRP B 221 21.83 2.52 12.61
C TRP B 221 21.46 2.24 11.16
N VAL B 222 21.67 3.23 10.29
CA VAL B 222 21.44 3.04 8.87
C VAL B 222 22.75 2.66 8.20
N ARG B 223 22.78 1.45 7.67
CA ARG B 223 23.96 0.87 7.06
C ARG B 223 23.83 0.87 5.55
N PRO B 224 24.87 1.41 4.87
CA PRO B 224 24.97 1.41 3.41
C PRO B 224 24.96 0.00 2.84
N SER B 225 24.18 -0.23 1.78
CA SER B 225 24.02 -1.56 1.23
C SER B 225 23.80 -1.53 -0.28
N VAL B 226 24.24 -2.59 -0.94
CA VAL B 226 24.01 -2.75 -2.37
C VAL B 226 22.90 -3.77 -2.66
N GLU B 227 22.32 -4.31 -1.59
CA GLU B 227 21.20 -5.25 -1.74
C GLU B 227 20.05 -4.56 -2.46
N ASN B 228 19.41 -5.28 -3.38
CA ASN B 228 18.38 -4.65 -4.19
C ASN B 228 17.04 -5.37 -4.20
N ARG B 229 16.08 -4.74 -4.88
CA ARG B 229 14.75 -5.31 -5.11
C ARG B 229 14.37 -4.95 -6.54
N GLY B 230 13.90 -5.95 -7.28
CA GLY B 230 13.51 -5.74 -8.66
C GLY B 230 12.54 -6.79 -9.18
N ILE B 231 11.91 -6.51 -10.32
CA ILE B 231 11.01 -7.45 -10.97
C ILE B 231 11.64 -8.04 -12.22
N VAL B 232 11.66 -9.36 -12.31
CA VAL B 232 12.14 -10.01 -13.53
C VAL B 232 10.95 -10.36 -14.43
N PHE B 233 11.08 -10.01 -15.70
CA PHE B 233 10.06 -10.28 -16.70
C PHE B 233 10.37 -11.52 -17.53
N PRO B 234 9.35 -12.34 -17.81
CA PRO B 234 9.50 -13.31 -18.89
C PRO B 234 9.70 -12.59 -20.22
N THR B 235 10.80 -12.87 -20.91
CA THR B 235 11.17 -12.11 -22.10
C THR B 235 10.80 -12.84 -23.39
N THR B 236 10.21 -14.03 -23.25
CA THR B 236 9.82 -14.83 -24.39
C THR B 236 8.32 -15.07 -24.39
N PRO B 237 7.72 -15.30 -25.57
CA PRO B 237 6.29 -15.64 -25.64
C PRO B 237 6.01 -17.00 -25.00
N ALA B 238 4.74 -17.26 -24.68
CA ALA B 238 4.36 -18.53 -24.08
C ALA B 238 4.25 -19.62 -25.15
N GLY B 239 4.02 -20.85 -24.72
CA GLY B 239 3.82 -21.95 -25.64
C GLY B 239 4.94 -22.98 -25.61
N LYS B 240 5.97 -22.71 -24.81
CA LYS B 240 7.05 -23.67 -24.64
C LYS B 240 7.21 -24.10 -23.19
N LYS B 241 7.77 -25.28 -22.98
CA LYS B 241 8.03 -25.79 -21.65
C LYS B 241 9.52 -26.06 -21.52
N ASP B 242 10.03 -26.01 -20.30
CA ASP B 242 11.44 -26.28 -20.09
C ASP B 242 11.68 -27.79 -20.10
N ALA B 243 12.89 -28.18 -19.72
CA ALA B 243 13.26 -29.58 -19.68
C ALA B 243 12.43 -30.32 -18.62
N HIS B 244 11.92 -29.56 -17.64
CA HIS B 244 11.17 -30.15 -16.53
C HIS B 244 9.67 -29.98 -16.73
N GLY B 245 9.28 -29.50 -17.90
CA GLY B 245 7.88 -29.38 -18.25
C GLY B 245 7.19 -28.16 -17.65
N TYR B 246 7.97 -27.20 -17.19
CA TYR B 246 7.40 -25.98 -16.63
C TYR B 246 7.24 -24.94 -17.73
N PRO B 247 6.10 -24.24 -17.73
CA PRO B 247 5.85 -23.27 -18.82
C PRO B 247 6.80 -22.08 -18.76
N ILE B 248 7.33 -21.70 -19.91
CA ILE B 248 8.23 -20.57 -20.00
C ILE B 248 7.59 -19.46 -20.80
N GLY B 249 7.72 -18.22 -20.31
CA GLY B 249 7.28 -17.09 -21.10
C GLY B 249 5.92 -16.49 -20.75
N ASN B 250 5.75 -15.24 -21.15
CA ASN B 250 4.51 -14.52 -20.95
C ASN B 250 4.20 -13.70 -22.20
N ASP B 251 3.01 -13.91 -22.77
CA ASP B 251 2.66 -13.26 -24.03
C ASP B 251 2.54 -11.75 -23.88
N VAL B 252 2.25 -11.28 -22.68
CA VAL B 252 2.17 -9.85 -22.42
C VAL B 252 3.55 -9.24 -22.20
N THR B 253 4.34 -9.85 -21.32
CA THR B 253 5.62 -9.27 -20.93
C THR B 253 6.70 -9.52 -21.98
N ALA B 254 6.39 -10.34 -22.98
CA ALA B 254 7.31 -10.55 -24.10
C ALA B 254 7.42 -9.27 -24.90
N ASP B 255 6.39 -8.44 -24.83
CA ASP B 255 6.39 -7.12 -25.44
C ASP B 255 7.33 -6.22 -24.66
N VAL B 256 8.38 -5.73 -25.32
CA VAL B 256 9.37 -4.89 -24.67
C VAL B 256 8.76 -3.56 -24.24
N ALA B 257 7.73 -3.13 -24.96
CA ALA B 257 7.04 -1.89 -24.64
C ALA B 257 6.37 -1.96 -23.28
N ILE B 258 5.79 -3.13 -22.97
CA ILE B 258 5.21 -3.37 -21.65
C ILE B 258 6.25 -3.15 -20.57
N ARG B 259 7.43 -3.72 -20.78
CA ARG B 259 8.49 -3.69 -19.79
C ARG B 259 9.06 -2.28 -19.59
N ARG B 260 9.26 -1.58 -20.69
CA ARG B 260 9.76 -0.20 -20.64
C ARG B 260 8.74 0.72 -19.98
N ALA B 261 7.48 0.53 -20.33
CA ALA B 261 6.40 1.35 -19.77
C ALA B 261 6.27 1.10 -18.28
N ILE B 262 6.40 -0.16 -17.87
CA ILE B 262 6.37 -0.49 -16.45
C ILE B 262 7.55 0.18 -15.75
N ASN B 263 8.72 0.15 -16.38
CA ASN B 263 9.88 0.86 -15.85
C ASN B 263 9.65 2.36 -15.68
N TYR B 264 8.95 2.98 -16.61
CA TYR B 264 8.73 4.43 -16.57
C TYR B 264 7.54 4.86 -15.69
N ALA B 265 6.61 3.94 -15.45
CA ALA B 265 5.42 4.26 -14.66
C ALA B 265 5.67 4.19 -13.16
N ILE B 266 6.57 3.31 -12.77
CA ILE B 266 6.90 3.11 -11.36
C ILE B 266 7.68 4.29 -10.81
N ASN B 267 7.31 4.75 -9.61
CA ASN B 267 8.06 5.81 -8.95
C ASN B 267 8.91 5.22 -7.83
N ARG B 268 10.20 5.08 -8.11
CA ARG B 268 11.11 4.40 -7.20
C ARG B 268 11.33 5.20 -5.92
N GLN B 269 11.38 6.52 -6.06
CA GLN B 269 11.54 7.39 -4.90
C GLN B 269 10.33 7.30 -3.99
N LEU B 270 9.15 7.16 -4.60
CA LEU B 270 7.92 7.03 -3.84
C LEU B 270 7.91 5.68 -3.11
N LEU B 271 8.44 4.64 -3.75
CA LEU B 271 8.57 3.33 -3.12
C LEU B 271 9.47 3.41 -1.90
N ALA B 272 10.61 4.09 -2.07
CA ALA B 272 11.57 4.26 -1.00
C ALA B 272 10.98 5.02 0.19
N ASP B 273 10.34 6.15 -0.10
CA ASP B 273 9.82 7.01 0.96
C ASP B 273 8.60 6.43 1.65
N GLN B 274 7.72 5.77 0.91
CA GLN B 274 6.46 5.29 1.47
C GLN B 274 6.56 3.89 2.06
N ILE B 275 7.46 3.06 1.54
CA ILE B 275 7.59 1.70 2.04
C ILE B 275 8.86 1.48 2.87
N MET B 276 9.98 2.01 2.39
CA MET B 276 11.26 1.78 3.06
C MET B 276 11.62 2.90 4.04
N GLU B 277 10.67 3.80 4.29
CA GLU B 277 10.86 4.91 5.23
C GLU B 277 12.03 5.81 4.84
N GLY B 278 12.33 5.87 3.56
CA GLY B 278 13.42 6.70 3.06
C GLY B 278 14.76 6.00 3.15
N HIS B 279 14.73 4.75 3.61
CA HIS B 279 15.95 3.98 3.83
C HIS B 279 16.25 3.08 2.65
N ALA B 280 15.89 3.55 1.46
CA ALA B 280 16.31 2.92 0.22
C ALA B 280 16.77 4.00 -0.76
N ILE B 281 17.46 3.59 -1.81
CA ILE B 281 17.80 4.51 -2.90
C ILE B 281 17.21 3.97 -4.21
N PRO B 282 16.78 4.85 -5.11
CA PRO B 282 16.23 4.37 -6.38
C PRO B 282 17.26 3.58 -7.19
N ALA B 283 16.87 2.41 -7.68
CA ALA B 283 17.77 1.57 -8.47
C ALA B 283 17.20 1.27 -9.86
N TYR B 284 18.00 1.55 -10.90
CA TYR B 284 17.57 1.28 -12.26
C TYR B 284 18.25 0.05 -12.83
N THR B 285 19.26 -0.45 -12.12
CA THR B 285 19.94 -1.68 -12.51
C THR B 285 20.15 -2.56 -11.28
N GLY B 286 20.74 -3.73 -11.49
CA GLY B 286 21.05 -4.64 -10.40
C GLY B 286 22.37 -4.29 -9.75
N VAL B 287 23.12 -3.41 -10.41
CA VAL B 287 24.43 -3.01 -9.92
C VAL B 287 24.50 -1.52 -9.58
N GLN B 288 23.37 -0.96 -9.14
CA GLN B 288 23.28 0.47 -8.84
C GLN B 288 24.33 0.97 -7.85
N GLY B 289 25.07 2.01 -8.25
CA GLY B 289 26.06 2.62 -7.38
C GLY B 289 27.40 1.90 -7.39
N LEU B 290 27.52 0.93 -8.30
CA LEU B 290 28.74 0.14 -8.39
C LEU B 290 29.58 0.59 -9.59
N PRO B 291 30.88 0.28 -9.59
CA PRO B 291 31.75 0.71 -10.70
C PRO B 291 31.31 0.16 -12.06
N TRP B 292 30.83 -1.07 -12.07
CA TRP B 292 30.45 -1.73 -13.32
C TRP B 292 29.03 -1.36 -13.75
N ASN B 293 28.40 -0.47 -13.00
CA ASN B 293 27.11 0.07 -13.39
C ASN B 293 27.26 1.07 -14.52
N ASN B 294 26.46 0.91 -15.57
CA ASN B 294 26.44 1.88 -16.66
C ASN B 294 25.98 3.23 -16.14
N PRO B 295 26.80 4.27 -16.36
CA PRO B 295 26.53 5.62 -15.86
C PRO B 295 25.25 6.25 -16.43
N ASP B 296 24.86 5.86 -17.64
CA ASP B 296 23.68 6.42 -18.28
C ASP B 296 22.45 5.52 -18.16
N SER B 297 22.51 4.55 -17.24
CA SER B 297 21.45 3.55 -17.12
C SER B 297 20.22 4.04 -16.35
N ALA B 298 20.26 5.29 -15.90
CA ALA B 298 19.16 5.85 -15.12
C ALA B 298 18.11 6.53 -16.01
N ILE B 299 16.86 6.50 -15.56
CA ILE B 299 15.77 7.18 -16.26
C ILE B 299 15.00 8.11 -15.31
N LYS B 300 14.16 8.96 -15.89
CA LYS B 300 13.26 9.79 -15.10
C LYS B 300 11.93 9.07 -14.92
N ASP B 301 11.74 8.41 -13.77
CA ASP B 301 10.61 7.52 -13.61
C ASP B 301 9.42 8.20 -12.92
N GLY B 302 8.38 7.41 -12.63
CA GLY B 302 7.14 7.96 -12.12
C GLY B 302 6.46 8.83 -13.17
N ASP B 303 6.73 8.56 -14.44
CA ASP B 303 6.17 9.31 -15.54
C ASP B 303 5.03 8.56 -16.21
N ILE B 304 3.80 8.91 -15.84
CA ILE B 304 2.62 8.18 -16.30
C ILE B 304 2.30 8.39 -17.77
N ASP B 305 2.28 9.64 -18.21
CA ASP B 305 1.94 9.95 -19.60
C ASP B 305 2.95 9.35 -20.58
N LYS B 306 4.21 9.31 -20.19
CA LYS B 306 5.24 8.72 -21.05
C LYS B 306 5.07 7.20 -21.13
N ALA B 307 4.69 6.57 -20.03
CA ALA B 307 4.44 5.14 -20.02
C ALA B 307 3.26 4.81 -20.93
N LYS B 308 2.19 5.59 -20.78
CA LYS B 308 1.01 5.42 -21.63
C LYS B 308 1.35 5.64 -23.09
N GLN B 309 2.25 6.59 -23.37
CA GLN B 309 2.68 6.83 -24.73
C GLN B 309 3.50 5.67 -25.29
N ILE B 310 4.38 5.10 -24.46
CA ILE B 310 5.15 3.93 -24.85
C ILE B 310 4.22 2.79 -25.21
N LEU B 311 3.22 2.56 -24.37
CA LEU B 311 2.25 1.50 -24.63
C LEU B 311 1.45 1.78 -25.90
N GLU B 312 1.09 3.04 -26.08
CA GLU B 312 0.28 3.45 -27.22
C GLU B 312 1.03 3.26 -28.54
N GLN B 313 2.31 3.63 -28.56
CA GLN B 313 3.12 3.53 -29.76
C GLN B 313 3.29 2.09 -30.24
N ALA B 314 3.34 1.15 -29.30
CA ALA B 314 3.52 -0.26 -29.65
C ALA B 314 2.20 -0.94 -30.00
N GLY B 315 1.11 -0.20 -29.90
CA GLY B 315 -0.20 -0.74 -30.25
C GLY B 315 -1.01 -1.26 -29.10
N TRP B 316 -0.67 -0.84 -27.89
CA TRP B 316 -1.47 -1.17 -26.72
C TRP B 316 -2.50 -0.07 -26.45
N GLN B 317 -3.77 -0.39 -26.66
CA GLN B 317 -4.84 0.57 -26.48
C GLN B 317 -5.84 0.07 -25.45
N LEU B 318 -6.48 1.01 -24.75
CA LEU B 318 -7.53 0.66 -23.80
C LEU B 318 -8.70 0.03 -24.54
N ASN B 319 -9.20 -1.09 -24.02
CA ASN B 319 -10.41 -1.70 -24.54
C ASN B 319 -11.65 -1.10 -23.86
N SER B 320 -12.81 -1.73 -24.05
CA SER B 320 -14.04 -1.24 -23.44
C SER B 320 -14.00 -1.38 -21.92
N GLN B 321 -13.12 -2.25 -21.43
CA GLN B 321 -13.04 -2.54 -20.00
C GLN B 321 -11.99 -1.71 -19.28
N GLY B 322 -11.32 -0.82 -20.00
CA GLY B 322 -10.33 0.05 -19.38
C GLY B 322 -8.95 -0.58 -19.20
N THR B 323 -8.69 -1.65 -19.94
CA THR B 323 -7.41 -2.34 -19.87
C THR B 323 -6.68 -2.27 -21.21
N ARG B 324 -5.36 -2.12 -21.17
CA ARG B 324 -4.55 -2.14 -22.40
C ARG B 324 -4.76 -3.45 -23.15
N GLU B 325 -5.12 -3.34 -24.42
CA GLU B 325 -5.26 -4.51 -25.28
C GLU B 325 -4.40 -4.36 -26.52
N LYS B 326 -3.85 -5.47 -27.01
CA LYS B 326 -3.13 -5.48 -28.27
C LYS B 326 -3.37 -6.79 -29.01
N ASN B 327 -4.01 -6.70 -30.18
CA ASN B 327 -4.35 -7.87 -30.98
C ASN B 327 -5.15 -8.89 -30.16
N GLY B 328 -6.16 -8.40 -29.45
CA GLY B 328 -7.04 -9.26 -28.67
C GLY B 328 -6.45 -9.72 -27.35
N LEU B 329 -5.26 -9.24 -27.02
CA LEU B 329 -4.57 -9.68 -25.80
C LEU B 329 -4.55 -8.59 -24.73
N PRO B 330 -5.31 -8.79 -23.65
CA PRO B 330 -5.37 -7.81 -22.56
C PRO B 330 -4.07 -7.81 -21.75
N ALA B 331 -3.69 -6.65 -21.24
CA ALA B 331 -2.45 -6.54 -20.48
C ALA B 331 -2.67 -6.95 -19.03
N LYS B 332 -3.14 -8.18 -18.84
CA LYS B 332 -3.37 -8.72 -17.50
C LYS B 332 -2.21 -9.62 -17.10
N ILE B 333 -1.49 -9.22 -16.06
CA ILE B 333 -0.34 -9.99 -15.61
C ILE B 333 -0.43 -10.27 -14.11
N THR B 334 0.19 -11.36 -13.68
CA THR B 334 0.22 -11.69 -12.27
C THR B 334 1.64 -11.62 -11.73
N LEU B 335 1.84 -10.76 -10.74
CA LEU B 335 3.13 -10.63 -10.07
C LEU B 335 3.25 -11.67 -8.97
N TRP B 336 4.26 -12.52 -9.09
CA TRP B 336 4.53 -13.52 -8.08
C TRP B 336 5.60 -13.01 -7.13
N TYR B 337 5.50 -13.38 -5.86
CA TYR B 337 6.52 -13.02 -4.88
C TYR B 337 6.52 -14.01 -3.72
N THR B 338 7.58 -13.95 -2.92
CA THR B 338 7.74 -14.91 -1.82
C THR B 338 7.01 -14.48 -0.55
N SER B 339 6.21 -15.38 -0.01
CA SER B 339 5.46 -15.10 1.21
C SER B 339 6.37 -15.16 2.44
N GLY B 340 5.84 -14.71 3.57
CA GLY B 340 6.60 -14.70 4.81
C GLY B 340 7.38 -13.43 5.01
N ASP B 341 7.26 -12.50 4.06
CA ASP B 341 7.93 -11.21 4.14
C ASP B 341 6.96 -10.06 3.89
N THR B 342 6.84 -9.18 4.88
CA THR B 342 5.89 -8.07 4.82
C THR B 342 6.27 -7.04 3.77
N THR B 343 7.56 -6.70 3.71
CA THR B 343 8.03 -5.64 2.82
C THR B 343 7.87 -6.00 1.35
N ARG B 344 7.91 -7.30 1.03
CA ARG B 344 7.73 -7.73 -0.35
C ARG B 344 6.26 -7.67 -0.73
N ARG B 345 5.39 -8.03 0.21
CA ARG B 345 3.96 -7.88 0.03
C ARG B 345 3.58 -6.42 -0.21
N ASP B 346 4.17 -5.54 0.58
CA ASP B 346 3.87 -4.11 0.49
C ASP B 346 4.42 -3.54 -0.82
N LEU B 347 5.59 -4.02 -1.22
CA LEU B 347 6.22 -3.58 -2.47
C LEU B 347 5.37 -4.01 -3.66
N ALA B 348 4.90 -5.25 -3.62
CA ALA B 348 4.07 -5.81 -4.67
C ALA B 348 2.74 -5.06 -4.79
N GLN B 349 2.13 -4.77 -3.64
CA GLN B 349 0.89 -4.00 -3.60
C GLN B 349 1.08 -2.60 -4.18
N ALA B 350 2.17 -1.96 -3.80
CA ALA B 350 2.45 -0.61 -4.28
C ALA B 350 2.67 -0.58 -5.78
N LEU B 351 3.33 -1.63 -6.29
CA LEU B 351 3.55 -1.76 -7.73
C LEU B 351 2.23 -2.01 -8.45
N ARG B 352 1.37 -2.82 -7.83
CA ARG B 352 0.04 -3.10 -8.36
C ARG B 352 -0.74 -1.82 -8.53
N SER B 353 -0.61 -0.93 -7.55
CA SER B 353 -1.31 0.35 -7.59
C SER B 353 -0.68 1.32 -8.59
N MET B 354 0.63 1.25 -8.74
CA MET B 354 1.35 2.18 -9.60
C MET B 354 1.05 1.94 -11.09
N LEU B 355 0.80 0.70 -11.46
CA LEU B 355 0.60 0.34 -12.86
C LEU B 355 -0.88 0.44 -13.28
N LYS B 356 -1.75 0.70 -12.31
CA LYS B 356 -3.18 0.84 -12.58
C LYS B 356 -3.55 2.00 -13.53
N PRO B 357 -2.99 3.21 -13.32
CA PRO B 357 -3.40 4.31 -14.21
C PRO B 357 -2.96 4.18 -15.68
N ILE B 358 -2.02 3.30 -15.99
CA ILE B 358 -1.58 3.14 -17.37
C ILE B 358 -2.28 1.96 -18.05
N GLY B 359 -3.21 1.34 -17.34
CA GLY B 359 -4.08 0.33 -17.94
C GLY B 359 -3.57 -1.08 -17.92
N ILE B 360 -2.60 -1.35 -17.04
CA ILE B 360 -2.09 -2.71 -16.88
C ILE B 360 -2.67 -3.33 -15.60
N ASP B 361 -3.42 -4.42 -15.77
CA ASP B 361 -4.10 -5.06 -14.66
C ASP B 361 -3.18 -6.07 -13.97
N VAL B 362 -2.83 -5.77 -12.72
CA VAL B 362 -1.89 -6.60 -11.99
C VAL B 362 -2.55 -7.40 -10.87
N ASP B 363 -2.53 -8.73 -11.02
CA ASP B 363 -2.97 -9.62 -9.96
C ASP B 363 -1.77 -9.93 -9.07
N LEU B 364 -2.01 -10.27 -7.82
CA LEU B 364 -0.91 -10.58 -6.91
C LEU B 364 -0.98 -12.03 -6.43
N LYS B 365 0.18 -12.70 -6.44
CA LYS B 365 0.26 -14.05 -5.89
C LYS B 365 1.53 -14.23 -5.06
N SER B 366 1.33 -14.59 -3.80
CA SER B 366 2.44 -14.87 -2.90
C SER B 366 2.55 -16.36 -2.65
N GLY B 367 3.78 -16.86 -2.56
CA GLY B 367 3.98 -18.26 -2.22
C GLY B 367 5.32 -18.48 -1.57
N SER B 368 5.54 -19.70 -1.09
CA SER B 368 6.87 -20.11 -0.63
C SER B 368 7.80 -20.22 -1.82
N TRP B 369 9.10 -20.21 -1.57
CA TRP B 369 10.09 -20.34 -2.64
C TRP B 369 9.85 -21.63 -3.43
N GLU B 370 9.43 -22.68 -2.75
CA GLU B 370 9.12 -23.94 -3.40
C GLU B 370 8.01 -23.77 -4.44
N THR B 371 7.05 -22.90 -4.14
CA THR B 371 5.94 -22.62 -5.04
C THR B 371 6.33 -21.60 -6.10
N VAL B 372 7.14 -20.63 -5.71
CA VAL B 372 7.57 -19.55 -6.61
C VAL B 372 8.44 -20.10 -7.74
N GLU B 373 9.24 -21.12 -7.45
CA GLU B 373 10.08 -21.75 -8.47
C GLU B 373 9.29 -22.21 -9.69
N ARG B 374 8.04 -22.59 -9.44
CA ARG B 374 7.17 -23.15 -10.47
C ARG B 374 6.64 -22.13 -11.47
N ASN B 375 6.37 -20.91 -10.98
CA ASN B 375 5.75 -19.88 -11.81
C ASN B 375 6.69 -18.75 -12.24
N MET B 376 7.95 -18.81 -11.82
CA MET B 376 8.87 -17.71 -12.06
C MET B 376 9.32 -17.58 -13.51
N HIS B 377 9.03 -18.61 -14.31
CA HIS B 377 9.40 -18.57 -15.71
C HIS B 377 8.27 -18.07 -16.61
N ALA B 378 7.04 -18.15 -16.11
CA ALA B 378 5.88 -17.77 -16.92
C ALA B 378 5.29 -16.42 -16.49
N ASN B 379 5.77 -15.89 -15.36
CA ASN B 379 5.20 -14.66 -14.80
C ASN B 379 6.25 -13.69 -14.32
N PRO B 380 5.92 -12.38 -14.30
CA PRO B 380 6.82 -11.40 -13.70
C PRO B 380 6.99 -11.71 -12.21
N THR B 381 8.22 -11.68 -11.71
CA THR B 381 8.44 -12.13 -10.34
C THR B 381 9.31 -11.17 -9.55
N LEU B 382 9.00 -11.03 -8.26
CA LEU B 382 9.76 -10.16 -7.37
C LEU B 382 10.99 -10.88 -6.83
N PHE B 383 12.14 -10.23 -6.95
CA PHE B 383 13.38 -10.78 -6.42
C PHE B 383 14.19 -9.73 -5.68
N GLY B 384 15.14 -10.22 -4.88
CA GLY B 384 16.09 -9.35 -4.22
C GLY B 384 17.47 -9.96 -4.35
N TRP B 385 18.46 -9.10 -4.62
CA TRP B 385 19.80 -9.55 -4.96
C TRP B 385 20.79 -8.50 -4.49
N GLY B 386 21.96 -8.47 -5.13
CA GLY B 386 22.95 -7.44 -4.86
C GLY B 386 24.19 -7.95 -4.15
N SER B 387 25.35 -7.50 -4.62
CA SER B 387 26.64 -7.92 -4.08
C SER B 387 27.74 -7.04 -4.64
N LEU B 388 28.97 -7.26 -4.18
CA LEU B 388 30.11 -6.50 -4.66
C LEU B 388 30.80 -7.24 -5.80
N ASP B 389 30.19 -8.35 -6.21
CA ASP B 389 30.73 -9.19 -7.29
C ASP B 389 29.95 -8.94 -8.58
N PRO B 390 30.64 -8.52 -9.64
CA PRO B 390 30.01 -8.26 -10.94
C PRO B 390 29.40 -9.52 -11.58
N MET B 391 29.76 -10.70 -11.08
CA MET B 391 29.23 -11.96 -11.61
C MET B 391 27.71 -12.02 -11.52
N GLU B 392 27.13 -11.17 -10.68
CA GLU B 392 25.69 -11.06 -10.55
C GLU B 392 25.07 -10.77 -11.92
N LEU B 393 25.70 -9.85 -12.66
CA LEU B 393 25.23 -9.50 -14.00
C LEU B 393 25.19 -10.76 -14.86
N TYR B 394 26.22 -11.59 -14.73
CA TYR B 394 26.31 -12.82 -15.50
C TYR B 394 25.14 -13.70 -15.11
N HIS B 395 24.88 -13.79 -13.80
CA HIS B 395 23.79 -14.60 -13.31
C HIS B 395 22.45 -14.11 -13.86
N HIS B 396 22.34 -12.80 -14.06
CA HIS B 396 21.09 -12.22 -14.55
C HIS B 396 20.88 -12.37 -16.05
N TYR B 397 21.91 -12.08 -16.84
CA TYR B 397 21.71 -11.85 -18.26
C TYR B 397 22.43 -12.82 -19.20
N SER B 398 23.06 -13.86 -18.65
CA SER B 398 23.72 -14.85 -19.50
C SER B 398 22.76 -15.97 -19.90
N SER B 399 22.77 -16.30 -21.18
CA SER B 399 21.92 -17.36 -21.71
C SER B 399 22.21 -18.72 -21.06
N ASN B 400 23.47 -18.93 -20.66
CA ASN B 400 23.85 -20.18 -20.03
C ASN B 400 23.30 -20.29 -18.61
N ALA B 401 22.86 -19.16 -18.06
CA ALA B 401 22.29 -19.14 -16.71
C ALA B 401 20.77 -19.20 -16.76
N ALA B 402 20.22 -19.23 -17.97
CA ALA B 402 18.77 -19.23 -18.13
C ALA B 402 18.15 -20.49 -17.57
N GLY B 403 17.26 -20.32 -16.59
CA GLY B 403 16.59 -21.44 -15.96
C GLY B 403 17.39 -22.13 -14.87
N VAL B 404 18.66 -21.75 -14.72
CA VAL B 404 19.52 -22.37 -13.72
C VAL B 404 19.24 -21.78 -12.34
N GLU B 405 18.73 -22.61 -11.45
CA GLU B 405 18.25 -22.17 -10.14
C GLU B 405 17.33 -20.97 -10.25
N TYR B 406 17.68 -19.89 -9.55
CA TYR B 406 16.88 -18.68 -9.58
C TYR B 406 17.47 -17.64 -10.51
N TYR B 407 18.57 -18.01 -11.18
CA TYR B 407 19.22 -17.13 -12.13
C TYR B 407 18.44 -17.10 -13.45
N ASN B 408 18.39 -15.91 -14.06
CA ASN B 408 17.73 -15.69 -15.35
C ASN B 408 16.43 -16.48 -15.53
N PRO B 409 15.43 -16.21 -14.68
CA PRO B 409 14.17 -16.96 -14.77
C PRO B 409 13.36 -16.60 -16.00
N GLY B 410 13.60 -15.41 -16.54
CA GLY B 410 12.87 -14.94 -17.70
C GLY B 410 13.43 -15.50 -18.99
N TYR B 411 14.44 -16.37 -18.86
CA TYR B 411 15.11 -16.99 -19.99
C TYR B 411 15.57 -15.94 -21.01
N TYR B 412 16.21 -14.90 -20.51
CA TYR B 412 16.73 -13.82 -21.35
C TYR B 412 17.94 -14.28 -22.14
N LYS B 413 17.88 -14.08 -23.46
CA LYS B 413 19.00 -14.42 -24.32
C LYS B 413 19.30 -13.33 -25.34
N ASN B 414 20.44 -12.68 -25.17
CA ASN B 414 20.96 -11.71 -26.12
C ASN B 414 22.42 -11.99 -26.41
N PRO B 415 22.71 -12.44 -27.64
CA PRO B 415 24.06 -12.85 -28.08
C PRO B 415 25.11 -11.75 -27.89
N MET B 416 24.72 -10.51 -28.07
CA MET B 416 25.64 -9.38 -27.91
C MET B 416 25.98 -9.20 -26.44
N VAL B 417 24.97 -9.39 -25.58
CA VAL B 417 25.15 -9.30 -24.14
C VAL B 417 26.01 -10.46 -23.66
N ASP B 418 25.79 -11.65 -24.24
CA ASP B 418 26.64 -12.80 -23.97
C ASP B 418 28.09 -12.50 -24.34
N LYS B 419 28.27 -11.83 -25.48
CA LYS B 419 29.59 -11.44 -25.94
C LYS B 419 30.28 -10.52 -24.93
N HIS B 420 29.57 -9.49 -24.49
CA HIS B 420 30.13 -8.56 -23.51
C HIS B 420 30.43 -9.23 -22.17
N LEU B 421 29.55 -10.14 -21.74
CA LEU B 421 29.76 -10.90 -20.52
C LEU B 421 31.04 -11.73 -20.59
N GLN B 422 31.20 -12.45 -21.70
CA GLN B 422 32.39 -13.27 -21.89
C GLN B 422 33.65 -12.41 -21.97
N GLN B 423 33.53 -11.24 -22.59
CA GLN B 423 34.64 -10.29 -22.66
C GLN B 423 35.04 -9.85 -21.25
N ALA B 424 34.05 -9.60 -20.41
CA ALA B 424 34.30 -9.18 -19.04
C ALA B 424 34.97 -10.30 -18.24
N LEU B 425 34.50 -11.52 -18.42
CA LEU B 425 35.06 -12.67 -17.73
C LEU B 425 36.48 -12.97 -18.18
N ASP B 426 36.74 -12.77 -19.47
CA ASP B 426 38.04 -13.14 -20.04
C ASP B 426 39.05 -12.02 -19.89
N ALA B 427 38.64 -10.91 -19.27
CA ALA B 427 39.55 -9.81 -18.98
C ALA B 427 40.55 -10.21 -17.91
N PRO B 428 41.81 -9.75 -18.05
CA PRO B 428 42.87 -10.06 -17.11
C PRO B 428 42.65 -9.48 -15.72
N THR B 429 42.15 -8.26 -15.64
CA THR B 429 41.87 -7.62 -14.35
C THR B 429 40.41 -7.21 -14.27
N TRP B 430 39.90 -7.04 -13.06
CA TRP B 430 38.52 -6.63 -12.89
C TRP B 430 38.36 -5.17 -13.31
N GLN B 431 39.43 -4.39 -13.13
CA GLN B 431 39.46 -2.99 -13.54
C GLN B 431 39.29 -2.88 -15.05
N GLN B 432 39.89 -3.81 -15.78
CA GLN B 432 39.77 -3.85 -17.24
C GLN B 432 38.43 -4.46 -17.65
N ALA B 433 37.86 -5.27 -16.76
CA ALA B 433 36.58 -5.91 -17.01
C ALA B 433 35.42 -4.93 -16.86
N VAL B 434 35.61 -3.91 -16.04
CA VAL B 434 34.55 -2.94 -15.75
C VAL B 434 33.83 -2.35 -16.98
N PRO B 435 34.59 -1.90 -18.01
CA PRO B 435 33.87 -1.37 -19.18
C PRO B 435 32.99 -2.39 -19.90
N PHE B 436 33.36 -3.67 -19.83
CA PHE B 436 32.56 -4.70 -20.49
C PHE B 436 31.27 -4.99 -19.73
N TRP B 437 31.34 -4.97 -18.41
CA TRP B 437 30.16 -5.16 -17.57
C TRP B 437 29.10 -4.09 -17.85
N GLN B 438 29.58 -2.88 -18.13
CA GLN B 438 28.70 -1.73 -18.38
C GLN B 438 27.97 -1.84 -19.71
N GLN B 439 28.56 -2.58 -20.65
CA GLN B 439 27.97 -2.73 -21.97
C GLN B 439 26.75 -3.64 -21.92
N VAL B 440 26.66 -4.45 -20.87
CA VAL B 440 25.52 -5.34 -20.66
C VAL B 440 24.20 -4.56 -20.62
N ASP B 441 24.23 -3.41 -19.93
CA ASP B 441 23.07 -2.53 -19.87
C ASP B 441 22.76 -1.96 -21.25
N TRP B 442 23.74 -1.27 -21.83
CA TRP B 442 23.58 -0.68 -23.16
C TRP B 442 24.95 -0.52 -23.83
N ASP B 443 25.10 -1.03 -25.05
CA ASP B 443 26.36 -0.87 -25.78
C ASP B 443 26.23 0.11 -26.95
N GLY B 444 25.08 0.77 -27.06
CA GLY B 444 24.84 1.70 -28.14
C GLY B 444 23.97 1.12 -29.23
N THR B 445 23.84 -0.21 -29.24
CA THR B 445 23.02 -0.90 -30.22
C THR B 445 21.93 -1.73 -29.55
N THR B 446 22.34 -2.61 -28.65
CA THR B 446 21.40 -3.39 -27.86
C THR B 446 21.87 -3.46 -26.40
N GLY B 447 21.12 -4.17 -25.57
CA GLY B 447 21.45 -4.28 -24.16
C GLY B 447 20.33 -4.89 -23.36
N ALA B 448 20.58 -5.15 -22.08
CA ALA B 448 19.57 -5.73 -21.20
C ALA B 448 18.86 -4.66 -20.37
N GLY B 449 19.36 -3.43 -20.44
CA GLY B 449 18.81 -2.34 -19.65
C GLY B 449 17.53 -1.75 -20.22
N ILE B 450 17.06 -0.67 -19.60
CA ILE B 450 15.80 -0.05 -19.98
C ILE B 450 15.82 0.46 -21.42
N ARG B 451 16.91 1.12 -21.80
CA ARG B 451 17.09 1.54 -23.19
C ARG B 451 17.15 0.34 -24.13
N GLY B 452 17.51 -0.81 -23.58
CA GLY B 452 17.59 -2.04 -24.35
C GLY B 452 16.35 -2.91 -24.22
N ASP B 453 16.57 -4.21 -24.06
CA ASP B 453 15.48 -5.18 -23.99
C ASP B 453 14.63 -5.04 -22.73
N ALA B 454 15.17 -4.35 -21.72
CA ALA B 454 14.49 -4.14 -20.45
C ALA B 454 14.00 -5.45 -19.85
N ALA B 455 14.95 -6.32 -19.51
CA ALA B 455 14.61 -7.63 -18.97
C ALA B 455 14.05 -7.49 -17.55
N TRP B 456 14.39 -6.39 -16.90
CA TRP B 456 13.99 -6.17 -15.51
C TRP B 456 13.28 -4.84 -15.31
N ALA B 457 12.48 -4.77 -14.26
CA ALA B 457 12.08 -3.50 -13.68
C ALA B 457 12.72 -3.40 -12.30
N TRP B 458 13.93 -2.85 -12.27
CA TRP B 458 14.65 -2.75 -11.01
C TRP B 458 14.03 -1.64 -10.18
N LEU B 459 13.98 -1.85 -8.87
CA LEU B 459 13.21 -0.95 -8.01
C LEU B 459 14.11 -0.19 -7.06
N LEU B 460 14.71 -0.90 -6.11
CA LEU B 460 15.39 -0.20 -5.02
C LEU B 460 16.70 -0.84 -4.56
N ASN B 461 17.60 -0.02 -4.05
CA ASN B 461 18.70 -0.50 -3.23
C ASN B 461 18.34 -0.28 -1.77
N ILE B 462 18.11 -1.38 -1.05
CA ILE B 462 17.69 -1.30 0.35
C ILE B 462 18.88 -1.03 1.27
N GLN B 463 18.73 -0.05 2.16
CA GLN B 463 19.74 0.19 3.19
C GLN B 463 19.37 -0.59 4.43
N HIS B 464 20.35 -1.20 5.09
CA HIS B 464 20.02 -2.08 6.22
C HIS B 464 19.86 -1.29 7.51
N THR B 465 18.85 -1.63 8.30
CA THR B 465 18.58 -0.87 9.51
C THR B 465 18.76 -1.73 10.77
N TYR B 466 19.45 -1.17 11.76
CA TYR B 466 19.71 -1.90 13.00
C TYR B 466 19.34 -1.06 14.23
N LEU B 467 19.14 -1.74 15.36
CA LEU B 467 19.00 -1.05 16.64
C LEU B 467 20.09 -1.56 17.56
N ALA B 468 20.93 -0.66 18.04
CA ALA B 468 22.03 -1.05 18.91
C ALA B 468 21.98 -0.32 20.24
N ASN B 469 22.50 -0.94 21.29
CA ASN B 469 22.64 -0.27 22.58
C ASN B 469 23.39 1.05 22.42
N ASN B 470 23.01 2.04 23.22
CA ASN B 470 23.64 3.36 23.15
C ASN B 470 25.15 3.31 23.41
N CYS B 471 25.59 2.25 24.09
CA CYS B 471 26.99 2.07 24.42
C CYS B 471 27.72 1.28 23.33
N VAL B 472 27.00 0.95 22.26
CA VAL B 472 27.57 0.12 21.20
C VAL B 472 27.85 0.90 19.92
N ASP B 473 29.08 0.81 19.45
CA ASP B 473 29.48 1.42 18.18
C ASP B 473 29.71 0.34 17.14
N LEU B 474 28.99 0.39 16.03
CA LEU B 474 29.11 -0.62 14.99
C LEU B 474 30.15 -0.21 13.94
N GLY B 475 30.75 0.97 14.14
CA GLY B 475 31.82 1.43 13.29
C GLY B 475 31.45 1.61 11.83
N LYS B 476 32.30 1.09 10.94
CA LYS B 476 32.10 1.23 9.51
C LYS B 476 32.54 -0.01 8.75
N GLY B 477 32.15 -0.11 7.49
CA GLY B 477 32.56 -1.22 6.64
C GLY B 477 32.19 -0.99 5.19
N THR B 478 32.40 -2.02 4.37
CA THR B 478 31.99 -1.98 2.97
C THR B 478 30.48 -1.97 2.89
N PRO B 479 29.92 -1.59 1.73
CA PRO B 479 28.47 -1.69 1.59
C PRO B 479 27.99 -3.13 1.80
N GLU B 480 27.00 -3.30 2.66
CA GLU B 480 26.46 -4.63 2.95
C GLU B 480 25.78 -5.20 1.71
N ILE B 481 25.67 -6.51 1.65
CA ILE B 481 25.17 -7.20 0.46
C ILE B 481 23.85 -7.90 0.75
N HIS B 482 23.28 -8.53 -0.28
CA HIS B 482 22.06 -9.31 -0.07
C HIS B 482 22.34 -10.46 0.86
N GLY B 483 21.44 -10.64 1.82
CA GLY B 483 21.59 -11.68 2.81
C GLY B 483 21.60 -11.09 4.21
N SER B 484 21.79 -11.96 5.19
CA SER B 484 21.88 -11.55 6.57
C SER B 484 23.32 -11.72 7.02
N TRP B 485 23.64 -11.15 8.18
CA TRP B 485 24.97 -11.25 8.79
C TRP B 485 25.99 -10.49 7.96
N SER B 486 25.52 -9.52 7.18
CA SER B 486 26.39 -8.67 6.39
C SER B 486 27.11 -7.69 7.31
N LEU B 487 26.45 -7.36 8.42
CA LEU B 487 26.97 -6.44 9.43
C LEU B 487 28.33 -6.91 9.94
N LEU B 488 28.55 -8.22 9.89
CA LEU B 488 29.80 -8.82 10.34
C LEU B 488 31.01 -8.25 9.60
N ASN B 489 30.78 -7.71 8.40
CA ASN B 489 31.87 -7.11 7.63
C ASN B 489 32.50 -5.91 8.33
N SER B 490 31.83 -5.42 9.38
CA SER B 490 32.34 -4.29 10.15
C SER B 490 32.84 -4.71 11.54
N ILE B 491 32.86 -6.02 11.79
CA ILE B 491 33.02 -6.52 13.17
C ILE B 491 34.31 -6.08 13.87
N ASP B 492 35.39 -5.88 13.12
CA ASP B 492 36.65 -5.45 13.72
C ASP B 492 36.57 -4.02 14.24
N SER B 493 35.64 -3.24 13.71
CA SER B 493 35.53 -1.83 14.08
C SER B 493 34.58 -1.62 15.27
N TRP B 494 33.95 -2.70 15.74
CA TRP B 494 32.99 -2.59 16.83
C TRP B 494 33.66 -2.14 18.12
N LYS B 495 33.03 -1.20 18.81
CA LYS B 495 33.59 -0.64 20.03
C LYS B 495 32.54 -0.53 21.15
N TRP B 496 33.01 -0.48 22.39
CA TRP B 496 32.15 -0.22 23.53
C TRP B 496 32.52 1.11 24.16
N THR B 497 31.61 2.07 24.15
CA THR B 497 31.93 3.43 24.54
C THR B 497 31.53 3.77 25.97
N CYS B 498 30.99 2.79 26.69
CA CYS B 498 30.56 3.01 28.06
C CYS B 498 31.36 2.16 29.05
NI NI C . -22.60 3.37 1.18
N HIS D . -22.72 3.55 3.14
CA HIS D . -21.80 2.61 3.79
C HIS D . -20.55 2.38 2.95
O HIS D . -19.54 1.87 3.45
CB HIS D . -22.51 1.28 4.06
CG HIS D . -23.17 0.68 2.86
ND1 HIS D . -23.39 1.39 1.69
CD2 HIS D . -23.69 -0.56 2.64
CE1 HIS D . -23.99 0.62 0.81
NE2 HIS D . -24.19 -0.56 1.37
OXT HIS D . -20.52 2.71 1.77
N HIS E . -26.72 4.22 -1.46
CA HIS E . -25.43 3.77 -0.95
C HIS E . -25.20 4.29 0.47
O HIS E . -24.35 3.80 1.21
CB HIS E . -24.31 4.23 -1.89
CG HIS E . -23.06 3.40 -1.78
ND1 HIS E . -22.34 3.28 -0.61
CD2 HIS E . -22.41 2.66 -2.71
CE1 HIS E . -21.29 2.49 -0.83
NE2 HIS E . -21.32 2.10 -2.09
OXT HIS E . -25.88 5.21 0.91
NI NI F . 17.66 -14.56 -1.33
N HIS G . 18.32 -14.45 -3.11
CA HIS G . 17.14 -14.25 -3.96
C HIS G . 16.03 -13.52 -3.22
O HIS G . 15.08 -13.02 -3.82
CB HIS G . 16.63 -15.59 -4.49
CG HIS G . 16.32 -16.59 -3.42
ND1 HIS G . 16.48 -16.33 -2.08
CD2 HIS G . 15.85 -17.86 -3.50
CE1 HIS G . 16.13 -17.39 -1.37
NE2 HIS G . 15.74 -18.34 -2.22
OXT HIS G . 16.05 -13.40 -1.99
N HIS H . 20.95 -16.02 2.58
CA HIS H . 19.79 -15.61 1.79
C HIS H . 20.09 -15.72 0.30
O HIS H . 19.19 -15.72 -0.54
CB HIS H . 19.39 -14.19 2.15
CG HIS H . 17.96 -13.84 1.84
ND1 HIS H . 17.44 -13.92 0.56
CD2 HIS H . 16.96 -13.43 2.64
CE1 HIS H . 16.17 -13.56 0.59
NE2 HIS H . 15.85 -13.25 1.84
OXT HIS H . 21.24 -15.84 -0.11
#